data_8EKA
#
_entry.id   8EKA
#
_cell.length_a   1.00
_cell.length_b   1.00
_cell.length_c   1.00
_cell.angle_alpha   90.00
_cell.angle_beta   90.00
_cell.angle_gamma   90.00
#
_symmetry.space_group_name_H-M   'P 1'
#
loop_
_entity.id
_entity.type
_entity.pdbx_description
1 polymer 'Circumsporozoite protein'
2 polymer 'L9 Fab heavy chain'
3 polymer 'L9 Fab light chain'
#
loop_
_entity_poly.entity_id
_entity_poly.type
_entity_poly.pdbx_seq_one_letter_code
_entity_poly.pdbx_strand_id
1 'polypeptide(L)'
;QEYQSYGSSSNTRVLNELNYDNAGTNLYNELEMNYYGKQENWYSLSSNSASLGENDDGNNEDNEKLRKPKHKKLKQPADG
NPDPNANPNVDPNANPNVDPNANPNVDPNANPNANPNANPNANPNANPNANPNANPNANPNANPNANPNANPNANPNANP
NANPNANPNANPNANPNVDPNANPNANPNANPNANPNANPNANPNANPNANPNANPNANPNANPNANPNANPNANPNANP
NANPNANPNANPNKNNQGNGQGHNMPNDPNRNVDENANANSAVKNNNNEEPSDKHIKEYLNKIQNSLSTEWSPCSVTCGN
GIQVRIKPGSANKPKDELDYANDIEKKICKMEKCS
;
P
2 'polypeptide(L)'
;QVKLVESGGGVVQPGRSLRLSCEASGFIFSTYGMHWVRQAPGKGLEWVAVIWFDGSNIYYADSVKGRFTISRDNSKNTVF
MQMDSLRAEDTAVYYCHRNFYDGSGPFDYWGQGTLVTVSSASTKGPSVFPLAPSSKSTSGGTAALGCLVKDYFPEPVTVS
WNSGALTSGVHTFPAVLQSSGLYSLSSVVTVPSSSLGTQTYICNVNHKPSNTKVDKKVEPKSCDKTH
;
H,A,C
3 'polypeptide(L)'
;DIQMTQSPSTLSASVGDRVTITCRASQFISRWLAWYQQKPGKAPKLLIYKASSLESGVPSRFSGSGSETHFTLTISSLQP
DDVATYYCQEYTSYGRTFGQGTKVEIKRTVAAPSVFIFPPSDEQLKSGTASVVCLLNNFYPREAKVQWKVDNALQSGNSQ
ESVTEQDSKDSTYSLSSTLTLSKADYEKHKVYACEVTHQGLSSPVTKSFNRGEC
;
L,B,D
#
# COMPACT_ATOMS: atom_id res chain seq x y z
N ASN A 85 14.23 -21.18 -16.56
CA ASN A 85 14.70 -20.91 -17.91
C ASN A 85 14.56 -19.44 -18.26
N ALA A 86 14.41 -19.15 -19.55
CA ALA A 86 14.27 -17.76 -20.01
C ALA A 86 13.64 -17.77 -21.40
N ASN A 87 12.56 -17.02 -21.55
CA ASN A 87 11.88 -16.85 -22.82
C ASN A 87 12.08 -15.42 -23.33
N PRO A 88 11.97 -15.21 -24.65
CA PRO A 88 12.06 -13.84 -25.18
C PRO A 88 10.82 -13.00 -24.91
N ASN A 89 9.79 -13.56 -24.27
CA ASN A 89 8.58 -12.82 -23.94
C ASN A 89 8.55 -12.36 -22.49
N VAL A 90 9.52 -12.75 -21.67
CA VAL A 90 9.58 -12.39 -20.26
C VAL A 90 10.89 -11.69 -20.00
N ASP A 91 10.82 -10.48 -19.40
CA ASP A 91 12.13 -9.85 -19.22
C ASP A 91 12.76 -10.24 -17.88
N PRO A 92 14.09 -10.29 -17.82
CA PRO A 92 14.77 -10.54 -16.55
C PRO A 92 15.05 -9.25 -15.79
N ASN A 93 14.45 -9.09 -14.62
CA ASN A 93 14.66 -7.91 -13.79
C ASN A 93 14.16 -8.20 -12.38
N ALA A 94 14.49 -7.30 -11.46
CA ALA A 94 14.05 -7.42 -10.07
C ALA A 94 14.04 -6.04 -9.46
N ASN A 95 12.85 -5.54 -9.14
CA ASN A 95 12.73 -4.23 -8.50
C ASN A 95 13.39 -4.29 -7.12
N PRO A 96 14.26 -3.34 -6.77
CA PRO A 96 14.98 -3.42 -5.49
C PRO A 96 14.09 -3.37 -4.26
N ASN A 97 12.88 -2.83 -4.37
CA ASN A 97 12.01 -2.66 -3.22
C ASN A 97 11.08 -3.84 -2.97
N VAL A 98 11.18 -4.90 -3.77
CA VAL A 98 10.34 -6.08 -3.63
C VAL A 98 11.23 -7.31 -3.52
N ASP A 99 10.82 -8.25 -2.68
CA ASP A 99 11.59 -9.47 -2.44
C ASP A 99 10.88 -10.61 -3.16
N PRO A 100 11.45 -11.15 -4.24
CA PRO A 100 10.83 -12.28 -4.94
C PRO A 100 11.16 -13.61 -4.25
N ASN A 101 10.16 -14.20 -3.60
CA ASN A 101 10.28 -15.48 -2.92
C ASN A 101 8.89 -15.91 -2.48
N ALA A 102 8.74 -17.21 -2.23
CA ALA A 102 7.47 -17.78 -1.81
C ALA A 102 7.70 -18.70 -0.62
N ASN A 103 6.85 -18.56 0.39
CA ASN A 103 6.94 -19.44 1.55
C ASN A 103 6.35 -20.81 1.21
N PRO A 104 7.10 -21.89 1.37
CA PRO A 104 6.53 -23.22 1.06
C PRO A 104 5.37 -23.61 1.95
N ASN A 105 5.21 -22.99 3.12
CA ASN A 105 4.16 -23.35 4.06
C ASN A 105 2.84 -22.65 3.80
N VAL A 106 2.79 -21.69 2.89
CA VAL A 106 1.57 -20.97 2.56
C VAL A 106 1.30 -21.12 1.06
N ASP A 107 0.04 -21.33 0.71
CA ASP A 107 -0.34 -21.49 -0.68
C ASP A 107 -0.72 -20.10 -1.22
N PRO A 108 -0.11 -19.66 -2.31
CA PRO A 108 -0.35 -18.28 -2.80
C PRO A 108 -1.72 -18.09 -3.40
N ASN A 109 -1.96 -16.92 -4.00
CA ASN A 109 -3.25 -16.55 -4.59
C ASN A 109 -4.34 -16.45 -3.52
N ALA A 110 -4.00 -15.77 -2.42
CA ALA A 110 -4.93 -15.58 -1.32
C ALA A 110 -4.65 -14.23 -0.66
N ASN A 111 -5.65 -13.73 0.06
CA ASN A 111 -5.52 -12.45 0.75
C ASN A 111 -6.29 -12.46 2.07
N GLN B 1 6.52 -2.33 16.87
CA GLN B 1 6.63 -1.20 17.78
C GLN B 1 7.75 -0.26 17.35
N VAL B 2 7.63 0.28 16.14
CA VAL B 2 8.63 1.17 15.58
C VAL B 2 8.27 2.60 15.96
N LYS B 3 9.25 3.34 16.50
CA LYS B 3 9.05 4.67 17.05
C LYS B 3 10.12 5.63 16.56
N LEU B 4 10.34 5.68 15.24
CA LEU B 4 11.32 6.60 14.68
C LEU B 4 11.06 8.03 15.14
N VAL B 5 12.06 8.62 15.79
CA VAL B 5 11.99 9.99 16.26
C VAL B 5 13.31 10.67 15.93
N GLU B 6 13.23 11.90 15.42
CA GLU B 6 14.41 12.65 15.03
C GLU B 6 14.46 13.97 15.79
N SER B 7 15.67 14.48 15.99
CA SER B 7 15.90 15.68 16.77
C SER B 7 16.60 16.73 15.91
N GLY B 8 16.93 17.86 16.52
CA GLY B 8 17.59 18.94 15.82
C GLY B 8 16.60 19.87 15.13
N GLY B 9 17.15 20.94 14.56
CA GLY B 9 16.34 21.87 13.81
C GLY B 9 16.08 23.18 14.53
N GLY B 10 16.59 24.27 13.99
CA GLY B 10 16.40 25.58 14.59
C GLY B 10 16.79 26.66 13.61
N VAL B 11 16.80 27.90 14.10
CA VAL B 11 17.21 29.02 13.27
C VAL B 11 18.66 28.84 12.84
N VAL B 12 18.93 29.04 11.56
CA VAL B 12 20.21 28.67 10.99
C VAL B 12 20.95 29.91 10.50
N GLN B 13 20.21 30.91 10.04
CA GLN B 13 20.72 32.12 9.39
C GLN B 13 21.33 31.77 8.04
N PRO B 14 21.23 32.63 7.04
CA PRO B 14 21.75 32.30 5.71
C PRO B 14 23.25 32.02 5.74
N GLY B 15 23.68 31.04 4.95
CA GLY B 15 25.07 30.68 4.87
C GLY B 15 25.62 30.07 6.14
N ARG B 16 25.12 28.89 6.51
CA ARG B 16 25.56 28.21 7.72
C ARG B 16 25.43 26.70 7.50
N SER B 17 25.49 25.94 8.58
CA SER B 17 25.43 24.48 8.51
C SER B 17 24.59 23.95 9.67
N LEU B 18 24.10 22.72 9.51
CA LEU B 18 23.31 22.06 10.53
C LEU B 18 23.43 20.56 10.37
N ARG B 19 23.10 19.84 11.45
CA ARG B 19 23.12 18.38 11.48
C ARG B 19 21.82 17.86 12.06
N LEU B 20 21.33 16.76 11.49
CA LEU B 20 20.12 16.11 11.99
C LEU B 20 20.39 14.62 12.18
N SER B 21 19.67 14.03 13.12
CA SER B 21 19.80 12.61 13.41
C SER B 21 18.41 11.99 13.53
N CYS B 22 18.24 10.80 12.94
CA CYS B 22 16.98 10.07 12.96
C CYS B 22 17.28 8.67 13.51
N GLU B 23 17.23 8.54 14.82
CA GLU B 23 17.55 7.26 15.45
C GLU B 23 16.43 6.26 15.22
N ALA B 24 16.82 5.00 15.04
CA ALA B 24 15.87 3.93 14.75
C ALA B 24 15.77 3.02 15.96
N SER B 25 14.55 2.88 16.49
CA SER B 25 14.31 2.09 17.69
C SER B 25 13.12 1.16 17.44
N GLY B 26 13.23 -0.06 17.94
CA GLY B 26 12.21 -1.06 17.77
C GLY B 26 12.52 -2.11 16.71
N PHE B 27 13.55 -1.90 15.91
CA PHE B 27 13.93 -2.85 14.87
C PHE B 27 15.44 -2.76 14.67
N ILE B 28 15.95 -3.58 13.76
CA ILE B 28 17.38 -3.62 13.44
C ILE B 28 17.54 -3.17 11.99
N PHE B 29 18.38 -2.16 11.78
CA PHE B 29 18.65 -1.64 10.45
C PHE B 29 19.68 -2.52 9.78
N SER B 30 19.21 -3.50 9.01
CA SER B 30 20.10 -4.43 8.33
C SER B 30 19.70 -4.64 6.88
N THR B 31 18.45 -4.33 6.53
CA THR B 31 17.94 -4.53 5.19
C THR B 31 17.28 -3.25 4.68
N TYR B 32 17.56 -2.91 3.42
CA TYR B 32 17.01 -1.72 2.77
C TYR B 32 17.41 -0.44 3.48
N GLY B 33 17.01 0.71 2.92
CA GLY B 33 17.50 1.99 3.37
C GLY B 33 16.40 2.88 3.93
N MET B 34 16.81 4.09 4.33
CA MET B 34 15.92 5.08 4.90
C MET B 34 15.94 6.34 4.05
N HIS B 35 14.75 6.89 3.79
CA HIS B 35 14.60 8.05 2.92
C HIS B 35 14.49 9.32 3.75
N TRP B 36 14.26 10.44 3.05
CA TRP B 36 14.12 11.73 3.72
C TRP B 36 13.24 12.59 2.82
N VAL B 37 12.00 12.80 3.20
CA VAL B 37 11.05 13.59 2.42
C VAL B 37 10.78 14.90 3.15
N ARG B 38 10.68 15.98 2.38
CA ARG B 38 10.52 17.33 2.91
C ARG B 38 9.23 17.94 2.37
N GLN B 39 8.44 18.53 3.26
CA GLN B 39 7.18 19.16 2.89
C GLN B 39 7.30 20.67 3.11
N ALA B 40 7.03 21.44 2.06
CA ALA B 40 7.07 22.88 2.14
C ALA B 40 5.93 23.39 3.03
N PRO B 41 6.06 24.61 3.57
CA PRO B 41 5.01 25.11 4.48
C PRO B 41 3.73 25.46 3.75
N GLY B 42 2.92 24.46 3.44
CA GLY B 42 1.63 24.65 2.78
C GLY B 42 1.57 24.15 1.35
N LYS B 43 2.64 23.57 0.83
CA LYS B 43 2.68 23.05 -0.53
C LYS B 43 2.68 21.52 -0.51
N GLY B 44 2.89 20.92 -1.67
CA GLY B 44 2.93 19.47 -1.78
C GLY B 44 4.22 18.89 -1.25
N LEU B 45 4.29 17.57 -1.26
CA LEU B 45 5.46 16.86 -0.79
C LEU B 45 6.58 16.89 -1.83
N GLU B 46 7.78 16.58 -1.38
CA GLU B 46 8.97 16.58 -2.23
C GLU B 46 9.94 15.55 -1.69
N TRP B 47 10.87 15.13 -2.55
CA TRP B 47 11.81 14.08 -2.21
C TRP B 47 13.23 14.63 -2.08
N VAL B 48 13.97 14.06 -1.13
CA VAL B 48 15.36 14.41 -0.87
C VAL B 48 16.13 13.09 -0.81
N ALA B 49 17.47 13.18 -0.83
CA ALA B 49 18.36 12.04 -1.01
C ALA B 49 18.07 10.83 -0.14
N VAL B 50 18.56 9.66 -0.56
CA VAL B 50 18.35 8.39 0.12
C VAL B 50 19.70 7.70 0.29
N ILE B 51 19.74 6.78 1.25
CA ILE B 51 20.96 6.02 1.56
C ILE B 51 20.58 4.56 1.74
N TRP B 52 21.31 3.67 1.07
CA TRP B 52 21.14 2.24 1.28
C TRP B 52 21.92 1.79 2.50
N PHE B 53 21.53 0.64 3.04
CA PHE B 53 22.16 0.16 4.26
C PHE B 53 23.61 -0.21 4.00
N ASP B 54 24.45 0.01 5.01
CA ASP B 54 25.89 -0.30 4.95
C ASP B 54 26.54 0.49 3.81
N GLY B 55 26.59 1.81 3.99
CA GLY B 55 27.33 2.74 3.14
C GLY B 55 27.28 2.49 1.65
N SER B 56 26.16 1.96 1.16
CA SER B 56 26.06 1.60 -0.25
C SER B 56 25.72 2.82 -1.11
N ASN B 57 25.32 2.58 -2.35
CA ASN B 57 25.08 3.66 -3.30
C ASN B 57 24.02 4.62 -2.80
N ILE B 58 24.27 5.92 -3.01
CA ILE B 58 23.39 6.99 -2.55
C ILE B 58 23.02 7.85 -3.75
N TYR B 59 21.74 8.19 -3.87
CA TYR B 59 21.26 9.07 -4.93
C TYR B 59 20.63 10.30 -4.30
N TYR B 60 20.99 11.47 -4.83
CA TYR B 60 20.46 12.74 -4.36
C TYR B 60 19.37 13.24 -5.30
N ALA B 61 18.72 14.33 -4.90
CA ALA B 61 17.69 14.95 -5.71
C ALA B 61 18.34 15.75 -6.83
N ASP B 62 17.55 16.58 -7.52
CA ASP B 62 18.08 17.40 -8.60
C ASP B 62 18.32 18.85 -8.21
N SER B 63 17.52 19.41 -7.31
CA SER B 63 17.69 20.79 -6.87
C SER B 63 18.54 20.91 -5.62
N VAL B 64 19.02 19.80 -5.08
CA VAL B 64 19.80 19.81 -3.85
C VAL B 64 21.19 19.21 -4.01
N LYS B 65 21.39 18.37 -5.03
CA LYS B 65 22.66 17.66 -5.19
C LYS B 65 23.83 18.64 -5.31
N GLY B 66 24.93 18.31 -4.64
CA GLY B 66 26.11 19.12 -4.60
C GLY B 66 26.33 19.88 -3.31
N ARG B 67 25.31 19.96 -2.45
CA ARG B 67 25.42 20.68 -1.19
C ARG B 67 25.07 19.84 0.03
N PHE B 68 24.54 18.64 -0.14
CA PHE B 68 24.13 17.79 0.97
C PHE B 68 25.02 16.56 1.03
N THR B 69 25.27 16.08 2.25
CA THR B 69 26.03 14.85 2.45
C THR B 69 25.30 13.98 3.46
N ILE B 70 25.23 12.68 3.18
CA ILE B 70 24.50 11.73 4.01
C ILE B 70 25.41 10.56 4.33
N SER B 71 25.19 9.97 5.51
CA SER B 71 25.94 8.80 5.95
C SER B 71 25.22 8.21 7.16
N ARG B 72 25.60 6.99 7.50
CA ARG B 72 25.02 6.25 8.62
C ARG B 72 26.08 6.04 9.69
N ASP B 73 25.70 5.31 10.75
CA ASP B 73 26.60 5.00 11.84
C ASP B 73 26.53 3.50 12.13
N ASN B 74 27.61 2.99 12.74
CA ASN B 74 27.77 1.56 12.97
C ASN B 74 27.31 1.12 14.35
N SER B 75 27.85 1.74 15.42
CA SER B 75 27.50 1.33 16.77
C SER B 75 26.03 1.59 17.07
N LYS B 76 25.52 2.75 16.67
CA LYS B 76 24.13 3.14 16.89
C LYS B 76 23.45 3.39 15.56
N ASN B 77 22.24 2.87 15.42
CA ASN B 77 21.49 2.94 14.16
C ASN B 77 20.94 4.36 14.00
N THR B 78 21.71 5.21 13.33
CA THR B 78 21.32 6.60 13.10
C THR B 78 21.78 7.02 11.71
N VAL B 79 21.14 8.08 11.19
CA VAL B 79 21.51 8.68 9.92
C VAL B 79 21.70 10.19 10.13
N PHE B 80 22.56 10.78 9.31
CA PHE B 80 22.92 12.18 9.47
C PHE B 80 22.94 12.89 8.13
N MET B 81 22.72 14.20 8.17
CA MET B 81 23.05 15.09 7.07
C MET B 81 23.95 16.23 7.55
N GLN B 82 24.67 16.82 6.61
CA GLN B 82 25.50 17.99 6.87
C GLN B 82 25.33 18.92 5.67
N MET B 83 24.52 19.96 5.82
CA MET B 83 24.25 20.90 4.75
C MET B 83 25.09 22.15 4.89
N ASP B 84 25.16 22.92 3.81
CA ASP B 84 25.81 24.22 3.81
C ASP B 84 25.24 25.05 2.68
N SER B 85 25.43 26.36 2.79
CA SER B 85 24.96 27.32 1.78
C SER B 85 23.47 27.17 1.53
N LEU B 86 22.68 27.40 2.58
CA LEU B 86 21.23 27.35 2.48
C LEU B 86 20.68 28.70 2.06
N ARG B 87 19.69 28.67 1.17
CA ARG B 87 19.01 29.88 0.73
C ARG B 87 17.75 30.08 1.57
N ALA B 88 16.90 31.02 1.16
CA ALA B 88 15.75 31.40 1.96
C ALA B 88 14.53 30.52 1.74
N GLU B 89 14.50 29.72 0.67
CA GLU B 89 13.34 28.88 0.36
C GLU B 89 13.53 27.43 0.78
N ASP B 90 14.54 27.13 1.59
CA ASP B 90 14.74 25.79 2.11
C ASP B 90 14.08 25.60 3.48
N THR B 91 13.21 26.51 3.89
CA THR B 91 12.48 26.39 5.14
C THR B 91 11.28 25.47 4.93
N ALA B 92 11.24 24.37 5.69
CA ALA B 92 10.21 23.36 5.52
C ALA B 92 10.25 22.42 6.71
N VAL B 93 9.50 21.33 6.62
CA VAL B 93 9.45 20.29 7.64
C VAL B 93 10.06 19.02 7.05
N TYR B 94 10.98 18.41 7.78
CA TYR B 94 11.71 17.24 7.31
C TYR B 94 11.20 15.99 8.01
N TYR B 95 10.86 14.96 7.24
CA TYR B 95 10.36 13.71 7.76
C TYR B 95 11.42 12.62 7.60
N CYS B 96 11.26 11.56 8.39
CA CYS B 96 12.07 10.35 8.27
C CYS B 96 11.17 9.24 7.75
N HIS B 97 11.54 8.66 6.62
CA HIS B 97 10.68 7.73 5.89
C HIS B 97 11.44 6.46 5.58
N ARG B 98 10.77 5.31 5.70
CA ARG B 98 11.35 4.03 5.37
C ARG B 98 10.24 3.06 4.97
N ASN B 99 10.39 2.44 3.80
CA ASN B 99 9.42 1.45 3.37
C ASN B 99 10.07 0.43 2.45
N PHE B 100 9.44 -0.73 2.35
CA PHE B 100 9.84 -1.79 1.44
C PHE B 100 8.72 -2.82 1.40
N TYR B 101 8.61 -3.51 0.26
CA TYR B 101 7.50 -4.42 0.02
C TYR B 101 7.97 -5.87 0.09
N ASP B 102 7.13 -6.72 0.68
CA ASP B 102 7.45 -8.12 0.91
C ASP B 102 6.22 -8.95 0.60
N GLY B 103 6.41 -10.27 0.49
CA GLY B 103 5.32 -11.18 0.19
C GLY B 103 4.23 -11.22 1.24
N SER B 104 4.49 -10.71 2.44
CA SER B 104 3.49 -10.67 3.50
C SER B 104 2.70 -9.37 3.52
N GLY B 105 2.94 -8.47 2.57
CA GLY B 105 2.26 -7.20 2.54
C GLY B 105 3.22 -6.04 2.46
N PRO B 106 2.76 -4.85 2.79
CA PRO B 106 3.63 -3.66 2.78
C PRO B 106 4.24 -3.39 4.15
N PHE B 107 5.28 -2.58 4.14
CA PHE B 107 5.94 -2.12 5.35
C PHE B 107 6.22 -0.63 5.18
N ASP B 108 5.77 0.18 6.13
CA ASP B 108 6.06 1.61 6.06
C ASP B 108 5.91 2.24 7.44
N TYR B 109 6.85 3.12 7.78
CA TYR B 109 6.81 3.88 9.01
C TYR B 109 7.24 5.32 8.71
N TRP B 110 6.73 6.25 9.50
CA TRP B 110 6.98 7.67 9.30
C TRP B 110 7.39 8.31 10.60
N GLY B 111 8.21 9.36 10.50
CA GLY B 111 8.67 10.09 11.67
C GLY B 111 7.62 11.05 12.20
N GLN B 112 8.09 12.14 12.79
CA GLN B 112 7.22 13.16 13.34
C GLN B 112 7.42 14.54 12.75
N GLY B 113 8.62 14.90 12.34
CA GLY B 113 8.86 16.15 11.66
C GLY B 113 9.45 17.23 12.55
N THR B 114 10.50 17.89 12.06
CA THR B 114 11.11 19.02 12.75
C THR B 114 11.06 20.24 11.86
N LEU B 115 10.67 21.38 12.44
CA LEU B 115 10.49 22.61 11.70
C LEU B 115 11.82 23.35 11.64
N VAL B 116 12.30 23.61 10.43
CA VAL B 116 13.57 24.30 10.21
C VAL B 116 13.28 25.62 9.50
N THR B 117 13.77 26.71 10.06
CA THR B 117 13.55 28.04 9.52
C THR B 117 14.89 28.70 9.20
N VAL B 118 14.96 29.34 8.03
CA VAL B 118 16.13 30.10 7.61
C VAL B 118 15.70 31.53 7.34
N SER B 119 16.35 32.47 8.02
CA SER B 119 16.03 33.89 7.91
C SER B 119 17.09 34.67 8.68
N SER B 120 16.88 35.98 8.77
CA SER B 120 17.74 36.88 9.56
C SER B 120 16.83 37.72 10.45
N ALA B 121 16.51 37.18 11.63
CA ALA B 121 15.66 37.88 12.59
C ALA B 121 15.82 37.22 13.95
N SER B 122 16.07 38.04 14.97
CA SER B 122 16.24 37.50 16.31
C SER B 122 14.90 37.06 16.88
N THR B 123 14.95 36.10 17.81
CA THR B 123 13.75 35.62 18.46
C THR B 123 13.14 36.71 19.33
N LYS B 124 11.81 36.73 19.40
CA LYS B 124 11.11 37.76 20.16
C LYS B 124 9.81 37.17 20.70
N GLY B 125 9.30 37.79 21.76
CA GLY B 125 8.05 37.37 22.35
C GLY B 125 6.87 38.07 21.74
N PRO B 126 5.70 37.46 21.82
CA PRO B 126 4.48 38.10 21.28
C PRO B 126 4.07 39.31 22.10
N SER B 127 3.30 40.19 21.46
CA SER B 127 2.75 41.38 22.09
C SER B 127 1.23 41.36 21.88
N VAL B 128 0.51 40.89 22.90
CA VAL B 128 -0.93 40.71 22.80
C VAL B 128 -1.64 42.06 22.88
N PHE B 129 -2.63 42.25 22.02
CA PHE B 129 -3.45 43.45 21.97
C PHE B 129 -4.91 43.06 22.02
N PRO B 130 -5.77 43.89 22.61
CA PRO B 130 -7.19 43.54 22.72
C PRO B 130 -8.03 44.07 21.58
N LEU B 131 -9.11 43.36 21.25
CA LEU B 131 -10.06 43.79 20.24
C LEU B 131 -11.35 44.24 20.92
N ALA B 132 -11.75 45.48 20.67
CA ALA B 132 -12.93 46.06 21.30
C ALA B 132 -14.20 45.36 20.83
N PRO B 133 -15.18 45.16 21.71
CA PRO B 133 -16.42 44.50 21.29
C PRO B 133 -17.47 45.49 20.81
N SER B 134 -17.11 46.78 20.73
CA SER B 134 -18.04 47.80 20.29
C SER B 134 -17.84 48.11 18.82
N LEU B 145 -15.51 40.92 20.37
CA LEU B 145 -14.69 40.04 21.19
C LEU B 145 -13.60 39.38 20.35
N GLY B 146 -12.36 39.56 20.76
CA GLY B 146 -11.25 38.96 20.04
C GLY B 146 -9.93 39.24 20.71
N CYS B 147 -8.87 38.72 20.11
CA CYS B 147 -7.51 38.92 20.56
C CYS B 147 -6.64 39.23 19.35
N LEU B 148 -5.36 39.50 19.59
CA LEU B 148 -4.45 39.83 18.51
C LEU B 148 -3.01 39.72 19.00
N VAL B 149 -2.14 39.20 18.14
CA VAL B 149 -0.71 39.16 18.41
C VAL B 149 -0.01 39.90 17.28
N LYS B 150 1.25 40.26 17.51
CA LYS B 150 1.98 41.07 16.54
C LYS B 150 3.46 41.01 16.85
N ASP B 151 4.28 40.81 15.81
CA ASP B 151 5.73 40.61 15.93
C ASP B 151 6.07 39.51 16.93
N TYR B 152 5.66 38.30 16.57
CA TYR B 152 6.03 37.10 17.31
C TYR B 152 6.81 36.17 16.38
N PHE B 153 7.93 35.65 16.89
CA PHE B 153 8.85 34.85 16.10
C PHE B 153 9.63 33.94 17.02
N PRO B 154 9.88 32.68 16.63
CA PRO B 154 9.45 32.03 15.40
C PRO B 154 8.23 31.13 15.60
N GLU B 155 7.84 30.38 14.58
CA GLU B 155 6.68 29.51 14.69
C GLU B 155 7.00 28.34 15.62
N PRO B 156 5.97 27.74 16.25
CA PRO B 156 4.55 28.10 16.22
C PRO B 156 4.08 28.75 17.51
N VAL B 157 2.80 29.12 17.57
CA VAL B 157 2.21 29.69 18.77
C VAL B 157 0.88 29.00 19.04
N THR B 158 0.45 29.07 20.30
CA THR B 158 -0.79 28.46 20.74
C THR B 158 -1.68 29.51 21.40
N VAL B 159 -2.97 29.46 21.10
CA VAL B 159 -3.94 30.41 21.63
C VAL B 159 -5.07 29.62 22.27
N SER B 160 -5.40 29.97 23.52
CA SER B 160 -6.48 29.34 24.25
C SER B 160 -7.36 30.41 24.88
N TRP B 161 -8.65 30.11 25.01
CA TRP B 161 -9.64 31.02 25.56
C TRP B 161 -10.27 30.42 26.80
N ASN B 162 -10.58 31.28 27.77
CA ASN B 162 -11.20 30.90 29.04
C ASN B 162 -10.54 29.67 29.66
N SER B 163 -9.22 29.56 29.48
CA SER B 163 -8.43 28.46 30.05
C SER B 163 -8.95 27.10 29.62
N GLY B 164 -9.39 26.99 28.38
CA GLY B 164 -9.84 25.71 27.85
C GLY B 164 -11.21 25.75 27.21
N ALA B 165 -11.67 24.57 26.77
CA ALA B 165 -12.97 24.37 26.13
C ALA B 165 -13.03 25.02 24.75
N LEU B 166 -13.76 24.39 23.83
CA LEU B 166 -13.89 24.95 22.49
C LEU B 166 -14.73 26.22 22.50
N THR B 167 -15.57 26.40 23.53
CA THR B 167 -16.43 27.56 23.71
C THR B 167 -17.48 27.69 22.62
N SER B 168 -17.63 26.68 21.77
CA SER B 168 -18.71 26.59 20.78
C SER B 168 -18.70 27.79 19.84
N GLY B 169 -17.63 27.86 19.04
CA GLY B 169 -17.55 28.89 18.01
C GLY B 169 -16.27 29.69 17.98
N VAL B 170 -15.20 29.17 18.57
CA VAL B 170 -13.91 29.84 18.48
C VAL B 170 -13.37 29.72 17.07
N HIS B 171 -12.52 30.67 16.69
CA HIS B 171 -11.90 30.69 15.36
C HIS B 171 -10.44 31.05 15.49
N THR B 172 -9.57 30.27 14.85
CA THR B 172 -8.13 30.48 14.87
C THR B 172 -7.64 30.64 13.45
N PHE B 173 -7.51 31.88 13.00
CA PHE B 173 -7.03 32.14 11.65
C PHE B 173 -5.56 31.76 11.52
N PRO B 174 -5.15 31.24 10.36
CA PRO B 174 -3.75 30.88 10.18
C PRO B 174 -2.84 32.10 10.18
N ALA B 175 -1.62 31.91 10.66
CA ALA B 175 -0.66 32.99 10.73
C ALA B 175 -0.22 33.40 9.33
N VAL B 176 -0.11 34.71 9.13
CA VAL B 176 0.29 35.29 7.85
C VAL B 176 1.61 36.02 8.03
N LEU B 177 2.54 35.80 7.11
CA LEU B 177 3.85 36.43 7.18
C LEU B 177 3.70 37.92 6.89
N GLN B 178 3.70 38.73 7.95
CA GLN B 178 3.62 40.17 7.80
C GLN B 178 4.92 40.69 7.19
N SER B 179 4.89 41.97 6.79
CA SER B 179 6.06 42.60 6.20
C SER B 179 7.24 42.56 7.18
N SER B 180 8.42 42.92 6.67
CA SER B 180 9.69 42.79 7.38
C SER B 180 9.92 41.30 7.62
N GLY B 181 10.03 40.84 8.86
CA GLY B 181 10.31 39.43 9.10
C GLY B 181 9.61 38.81 10.28
N LEU B 182 8.51 39.41 10.74
CA LEU B 182 7.81 38.94 11.92
C LEU B 182 6.36 38.63 11.57
N TYR B 183 5.84 37.55 12.14
CA TYR B 183 4.51 37.05 11.82
C TYR B 183 3.44 37.88 12.52
N SER B 184 2.19 37.53 12.27
CA SER B 184 1.04 38.18 12.91
C SER B 184 -0.19 37.31 12.68
N LEU B 185 -1.08 37.29 13.66
CA LEU B 185 -2.32 36.51 13.55
C LEU B 185 -3.33 37.06 14.55
N SER B 186 -4.58 36.68 14.36
CA SER B 186 -5.67 37.14 15.21
C SER B 186 -6.67 36.01 15.42
N SER B 187 -7.51 36.18 16.44
CA SER B 187 -8.57 35.23 16.73
C SER B 187 -9.82 35.99 17.14
N VAL B 188 -10.98 35.40 16.83
CA VAL B 188 -12.27 36.01 17.13
C VAL B 188 -13.17 34.96 17.75
N VAL B 189 -14.14 35.42 18.53
CA VAL B 189 -15.10 34.57 19.21
C VAL B 189 -16.51 35.11 18.95
N THR B 190 -17.41 34.26 18.51
CA THR B 190 -18.80 34.64 18.36
C THR B 190 -19.48 34.72 19.72
N VAL B 191 -20.38 35.68 19.88
CA VAL B 191 -21.02 35.92 21.18
C VAL B 191 -22.47 36.33 20.97
N PRO B 192 -23.40 35.81 21.75
CA PRO B 192 -24.79 36.30 21.67
C PRO B 192 -24.90 37.73 22.15
N SER B 193 -25.92 38.42 21.65
CA SER B 193 -26.12 39.83 21.95
C SER B 193 -26.36 40.10 23.44
N SER B 194 -26.79 39.09 24.19
CA SER B 194 -27.08 39.25 25.62
C SER B 194 -25.91 38.72 26.45
N SER B 195 -26.06 38.83 27.78
CA SER B 195 -25.05 38.36 28.73
C SER B 195 -23.68 38.97 28.45
N LEU B 196 -23.66 40.29 28.26
CA LEU B 196 -22.43 40.99 27.90
C LEU B 196 -21.58 41.21 29.15
N GLY B 197 -20.36 40.69 29.13
CA GLY B 197 -19.41 40.94 30.20
C GLY B 197 -19.64 40.14 31.46
N THR B 198 -20.58 39.20 31.47
CA THR B 198 -20.90 38.45 32.67
C THR B 198 -20.01 37.23 32.88
N GLN B 199 -19.14 36.92 31.92
CA GLN B 199 -18.29 35.70 32.01
C GLN B 199 -16.81 36.07 32.14
N THR B 200 -16.42 37.26 31.66
CA THR B 200 -15.04 37.76 31.74
C THR B 200 -14.10 36.89 30.89
N TYR B 201 -14.31 36.95 29.58
CA TYR B 201 -13.50 36.18 28.64
C TYR B 201 -12.03 36.57 28.75
N ILE B 202 -11.17 35.57 28.62
CA ILE B 202 -9.72 35.77 28.72
C ILE B 202 -9.05 35.20 27.48
N CYS B 203 -7.89 35.74 27.14
CA CYS B 203 -7.12 35.31 25.97
C CYS B 203 -5.70 35.00 26.42
N ASN B 204 -5.26 33.78 26.15
CA ASN B 204 -3.96 33.29 26.60
C ASN B 204 -3.12 32.85 25.41
N VAL B 205 -1.85 33.22 25.42
CA VAL B 205 -0.90 32.80 24.39
C VAL B 205 0.30 32.15 25.08
N ASN B 206 0.96 31.25 24.36
CA ASN B 206 2.12 30.54 24.88
C ASN B 206 3.10 30.39 23.74
N HIS B 207 4.37 30.67 24.02
CA HIS B 207 5.44 30.54 23.04
C HIS B 207 6.53 29.66 23.63
N LYS B 208 6.87 28.57 22.94
CA LYS B 208 7.85 27.62 23.43
C LYS B 208 9.29 28.14 23.27
N PRO B 209 9.71 28.60 22.08
CA PRO B 209 11.10 29.09 21.97
C PRO B 209 11.41 30.25 22.91
N SER B 210 10.43 31.10 23.19
CA SER B 210 10.60 32.20 24.14
C SER B 210 9.42 32.17 25.10
N ASN B 211 9.63 31.62 26.29
CA ASN B 211 8.55 31.41 27.26
C ASN B 211 8.10 32.74 27.81
N THR B 212 6.99 33.26 27.28
CA THR B 212 6.39 34.50 27.75
C THR B 212 5.12 34.28 28.55
N LYS B 213 4.15 33.58 27.98
CA LYS B 213 2.89 33.23 28.66
C LYS B 213 2.22 34.47 29.23
N VAL B 214 2.04 35.46 28.39
CA VAL B 214 1.41 36.72 28.77
C VAL B 214 -0.10 36.57 28.61
N ASP B 215 -0.84 37.13 29.57
CA ASP B 215 -2.29 37.08 29.56
C ASP B 215 -2.86 38.49 29.47
N LYS B 216 -4.01 38.60 28.82
CA LYS B 216 -4.66 39.88 28.59
C LYS B 216 -6.13 39.78 28.95
N LYS B 217 -6.65 40.82 29.61
CA LYS B 217 -8.05 40.93 29.96
C LYS B 217 -8.69 42.01 29.10
N VAL B 218 -9.82 41.69 28.47
CA VAL B 218 -10.51 42.60 27.57
C VAL B 218 -11.70 43.21 28.30
N GLU B 219 -11.99 44.47 27.96
CA GLU B 219 -13.09 45.22 28.55
C GLU B 219 -13.93 45.88 27.47
N PRO B 220 -15.23 46.07 27.69
CA PRO B 220 -16.13 46.66 26.70
C PRO B 220 -16.10 48.18 26.68
N ASP C 1 14.35 11.08 -15.59
CA ASP C 1 13.40 11.45 -14.55
C ASP C 1 11.97 11.29 -15.04
N ILE C 2 11.06 10.94 -14.13
CA ILE C 2 9.66 10.72 -14.43
C ILE C 2 8.85 11.86 -13.84
N GLN C 3 7.99 12.47 -14.64
CA GLN C 3 7.15 13.57 -14.20
C GLN C 3 5.70 13.11 -14.15
N MET C 4 5.03 13.38 -13.04
CA MET C 4 3.66 12.95 -12.81
C MET C 4 2.76 14.17 -12.65
N THR C 5 1.57 14.10 -13.26
CA THR C 5 0.59 15.17 -13.17
C THR C 5 -0.76 14.59 -12.80
N GLN C 6 -1.55 15.38 -12.08
CA GLN C 6 -2.91 15.01 -11.73
C GLN C 6 -3.87 15.96 -12.43
N SER C 7 -4.80 15.40 -13.21
CA SER C 7 -5.67 16.24 -14.03
C SER C 7 -6.55 17.19 -13.21
N PRO C 8 -7.27 16.76 -12.18
CA PRO C 8 -8.01 17.72 -11.37
C PRO C 8 -7.21 18.19 -10.16
N SER C 9 -7.33 19.48 -9.86
CA SER C 9 -6.62 20.08 -8.73
C SER C 9 -7.53 20.46 -7.58
N THR C 10 -8.84 20.49 -7.78
CA THR C 10 -9.79 20.75 -6.70
C THR C 10 -11.12 20.12 -7.08
N LEU C 11 -11.79 19.51 -6.10
CA LEU C 11 -13.07 18.87 -6.30
C LEU C 11 -14.06 19.36 -5.26
N SER C 12 -15.35 19.27 -5.61
CA SER C 12 -16.42 19.63 -4.69
C SER C 12 -17.64 18.78 -5.05
N ALA C 13 -17.82 17.67 -4.33
CA ALA C 13 -18.92 16.76 -4.58
C ALA C 13 -19.67 16.50 -3.28
N SER C 14 -20.99 16.37 -3.40
CA SER C 14 -21.83 16.12 -2.24
C SER C 14 -21.68 14.67 -1.77
N VAL C 15 -22.22 14.40 -0.60
CA VAL C 15 -22.14 13.06 -0.03
C VAL C 15 -22.91 12.07 -0.91
N GLY C 16 -22.48 10.81 -0.89
CA GLY C 16 -23.10 9.78 -1.69
C GLY C 16 -22.97 10.00 -3.18
N ASP C 17 -21.77 10.36 -3.64
CA ASP C 17 -21.51 10.67 -5.04
C ASP C 17 -20.24 9.94 -5.45
N ARG C 18 -20.04 9.78 -6.75
CA ARG C 18 -18.88 9.09 -7.30
C ARG C 18 -17.87 10.11 -7.80
N VAL C 19 -16.63 9.99 -7.31
CA VAL C 19 -15.56 10.91 -7.68
C VAL C 19 -14.41 10.10 -8.27
N THR C 20 -13.57 10.78 -9.05
CA THR C 20 -12.48 10.12 -9.74
C THR C 20 -11.30 11.07 -9.88
N ILE C 21 -10.09 10.52 -9.78
CA ILE C 21 -8.85 11.27 -9.92
C ILE C 21 -7.91 10.45 -10.80
N THR C 22 -7.27 11.13 -11.75
CA THR C 22 -6.43 10.46 -12.74
C THR C 22 -4.97 10.90 -12.59
N CYS C 23 -4.06 9.93 -12.49
CA CYS C 23 -2.63 10.19 -12.44
C CYS C 23 -2.01 9.67 -13.74
N ARG C 24 -1.23 10.52 -14.39
CA ARG C 24 -0.65 10.19 -15.69
C ARG C 24 0.87 10.27 -15.62
N ALA C 25 1.53 9.21 -16.07
CA ALA C 25 2.98 9.13 -16.02
C ALA C 25 3.58 9.82 -17.25
N SER C 26 4.89 9.64 -17.45
CA SER C 26 5.60 10.27 -18.56
C SER C 26 6.08 9.26 -19.59
N GLN C 27 6.87 8.27 -19.19
CA GLN C 27 7.40 7.30 -20.13
C GLN C 27 6.85 5.89 -19.91
N PHE C 28 7.10 5.30 -18.74
CA PHE C 28 6.71 3.92 -18.49
C PHE C 28 6.89 3.54 -17.03
N ILE C 29 5.83 3.00 -16.43
CA ILE C 29 5.90 2.37 -15.11
C ILE C 29 4.98 1.15 -15.14
N SER C 30 5.56 -0.04 -15.10
CA SER C 30 4.81 -1.27 -15.34
C SER C 30 4.02 -1.65 -14.08
N ARG C 31 2.98 -0.85 -13.81
CA ARG C 31 2.06 -1.07 -12.70
C ARG C 31 2.81 -1.08 -11.37
N TRP C 32 3.42 0.05 -11.05
CA TRP C 32 4.20 0.23 -9.82
C TRP C 32 3.80 1.53 -9.14
N LEU C 33 2.50 1.75 -8.96
CA LEU C 33 2.01 2.97 -8.35
C LEU C 33 1.62 2.74 -6.89
N ALA C 34 1.21 3.82 -6.22
CA ALA C 34 0.75 3.79 -4.85
C ALA C 34 0.11 5.13 -4.52
N TRP C 35 -1.03 5.09 -3.84
CA TRP C 35 -1.78 6.29 -3.48
C TRP C 35 -1.69 6.52 -1.99
N TYR C 36 -1.38 7.76 -1.58
CA TYR C 36 -1.29 8.15 -0.19
C TYR C 36 -2.49 9.00 0.20
N GLN C 37 -2.49 9.46 1.44
CA GLN C 37 -3.55 10.33 1.93
C GLN C 37 -3.05 11.04 3.18
N GLN C 38 -3.20 12.36 3.21
CA GLN C 38 -2.68 13.18 4.31
C GLN C 38 -3.78 14.11 4.80
N LYS C 39 -4.31 13.82 5.99
CA LYS C 39 -5.17 14.77 6.66
C LYS C 39 -4.33 15.92 7.22
N PRO C 40 -4.91 17.09 7.39
CA PRO C 40 -4.13 18.23 7.89
C PRO C 40 -3.56 17.96 9.27
N GLY C 41 -2.33 18.42 9.49
CA GLY C 41 -1.68 18.27 10.78
C GLY C 41 -1.27 16.86 11.15
N LYS C 42 -1.07 15.99 10.17
CA LYS C 42 -0.72 14.60 10.45
C LYS C 42 0.37 14.09 9.51
N ALA C 43 0.61 12.80 9.51
CA ALA C 43 1.53 12.15 8.59
C ALA C 43 0.76 11.31 7.58
N PRO C 44 1.24 11.23 6.33
CA PRO C 44 0.51 10.49 5.30
C PRO C 44 0.44 9.00 5.62
N LYS C 45 -0.63 8.37 5.14
CA LYS C 45 -0.89 6.95 5.37
C LYS C 45 -1.13 6.26 4.04
N LEU C 46 -0.53 5.08 3.86
CA LEU C 46 -0.68 4.35 2.62
C LEU C 46 -2.11 3.84 2.46
N LEU C 47 -2.59 3.85 1.22
CA LEU C 47 -3.95 3.40 0.90
C LEU C 47 -3.98 2.21 -0.04
N ILE C 48 -3.32 2.31 -1.19
CA ILE C 48 -3.37 1.27 -2.21
C ILE C 48 -1.97 1.09 -2.77
N TYR C 49 -1.55 -0.17 -2.94
CA TYR C 49 -0.25 -0.48 -3.52
C TYR C 49 -0.43 -1.40 -4.71
N LYS C 50 0.48 -1.29 -5.68
CA LYS C 50 0.46 -2.02 -6.94
C LYS C 50 -0.77 -1.68 -7.78
N ALA C 51 -1.46 -0.58 -7.45
CA ALA C 51 -2.56 0.02 -8.21
C ALA C 51 -3.82 -0.84 -8.21
N SER C 52 -3.79 -2.03 -7.64
CA SER C 52 -5.02 -2.84 -7.59
C SER C 52 -5.31 -3.39 -6.20
N SER C 53 -4.29 -3.79 -5.45
CA SER C 53 -4.52 -4.41 -4.15
C SER C 53 -4.93 -3.35 -3.13
N LEU C 54 -5.43 -3.82 -1.99
CA LEU C 54 -5.92 -2.96 -0.93
C LEU C 54 -5.21 -3.29 0.37
N GLU C 55 -4.73 -2.26 1.05
CA GLU C 55 -4.09 -2.45 2.35
C GLU C 55 -5.13 -2.78 3.41
N SER C 56 -4.73 -3.64 4.34
CA SER C 56 -5.62 -4.01 5.44
C SER C 56 -5.97 -2.80 6.29
N GLY C 57 -7.23 -2.72 6.69
CA GLY C 57 -7.73 -1.62 7.47
C GLY C 57 -8.47 -0.56 6.67
N VAL C 58 -8.25 -0.51 5.36
CA VAL C 58 -8.95 0.43 4.49
C VAL C 58 -10.38 -0.07 4.28
N PRO C 59 -11.38 0.81 4.35
CA PRO C 59 -12.76 0.38 4.09
C PRO C 59 -12.96 -0.11 2.67
N SER C 60 -14.17 -0.59 2.36
CA SER C 60 -14.44 -1.24 1.09
C SER C 60 -14.88 -0.28 -0.01
N ARG C 61 -14.93 1.02 0.27
CA ARG C 61 -15.36 2.00 -0.73
C ARG C 61 -14.20 2.61 -1.51
N PHE C 62 -12.98 2.14 -1.30
CA PHE C 62 -11.81 2.62 -2.01
C PHE C 62 -11.37 1.58 -3.03
N SER C 63 -11.21 2.00 -4.28
CA SER C 63 -10.77 1.10 -5.33
C SER C 63 -10.15 1.92 -6.45
N GLY C 64 -9.32 1.24 -7.26
CA GLY C 64 -8.65 1.90 -8.35
C GLY C 64 -8.25 0.91 -9.42
N SER C 65 -7.95 1.46 -10.60
CA SER C 65 -7.54 0.67 -11.76
C SER C 65 -6.23 1.18 -12.30
N GLY C 66 -5.52 0.31 -13.00
CA GLY C 66 -4.18 0.64 -13.47
C GLY C 66 -3.96 0.17 -14.90
N SER C 67 -2.96 0.78 -15.53
CA SER C 67 -2.57 0.46 -16.89
C SER C 67 -1.08 0.77 -17.03
N GLU C 68 -0.60 0.91 -18.26
CA GLU C 68 0.80 1.25 -18.47
C GLU C 68 1.12 2.64 -17.92
N THR C 69 0.50 3.68 -18.50
CA THR C 69 0.75 5.07 -18.11
C THR C 69 -0.55 5.83 -17.93
N HIS C 70 -1.51 5.23 -17.22
CA HIS C 70 -2.77 5.91 -16.92
C HIS C 70 -3.43 5.19 -15.75
N PHE C 71 -3.51 5.85 -14.61
CA PHE C 71 -4.08 5.26 -13.40
C PHE C 71 -5.18 6.15 -12.84
N THR C 72 -6.22 5.53 -12.31
CA THR C 72 -7.37 6.24 -11.76
C THR C 72 -7.72 5.67 -10.39
N LEU C 73 -8.39 6.49 -9.59
CA LEU C 73 -8.91 6.09 -8.29
C LEU C 73 -10.36 6.53 -8.18
N THR C 74 -11.21 5.67 -7.62
CA THR C 74 -12.64 5.93 -7.53
C THR C 74 -13.11 5.72 -6.10
N ILE C 75 -13.94 6.64 -5.61
CA ILE C 75 -14.53 6.55 -4.28
C ILE C 75 -16.05 6.52 -4.46
N SER C 76 -16.67 5.44 -4.01
CA SER C 76 -18.12 5.31 -4.11
C SER C 76 -18.77 5.58 -2.75
N SER C 77 -19.90 6.27 -2.78
CA SER C 77 -20.66 6.61 -1.57
C SER C 77 -19.79 7.41 -0.60
N LEU C 78 -19.41 8.61 -1.03
CA LEU C 78 -18.52 9.46 -0.25
C LEU C 78 -19.14 9.80 1.10
N GLN C 79 -18.35 9.66 2.16
CA GLN C 79 -18.75 9.97 3.52
C GLN C 79 -18.06 11.24 3.99
N PRO C 80 -18.67 12.00 4.91
CA PRO C 80 -18.09 13.28 5.35
C PRO C 80 -16.93 13.11 6.32
N ASP C 81 -16.03 12.16 6.01
CA ASP C 81 -14.80 11.97 6.77
C ASP C 81 -13.57 11.88 5.88
N ASP C 82 -13.73 11.98 4.57
CA ASP C 82 -12.64 11.82 3.61
C ASP C 82 -12.24 13.14 2.97
N VAL C 83 -12.22 14.21 3.75
CA VAL C 83 -11.80 15.53 3.26
C VAL C 83 -10.32 15.66 3.57
N ALA C 84 -9.49 15.28 2.60
CA ALA C 84 -8.03 15.32 2.76
C ALA C 84 -7.40 15.58 1.41
N THR C 85 -6.09 15.33 1.32
CA THR C 85 -5.33 15.52 0.10
C THR C 85 -4.73 14.19 -0.32
N TYR C 86 -4.87 13.85 -1.61
CA TYR C 86 -4.43 12.56 -2.13
C TYR C 86 -3.28 12.77 -3.10
N TYR C 87 -2.18 12.05 -2.87
CA TYR C 87 -0.99 12.12 -3.69
C TYR C 87 -0.89 10.87 -4.57
N CYS C 88 0.13 10.83 -5.42
CA CYS C 88 0.31 9.76 -6.39
C CYS C 88 1.81 9.44 -6.46
N GLN C 89 2.23 8.45 -5.68
CA GLN C 89 3.64 8.08 -5.62
C GLN C 89 3.96 7.01 -6.65
N GLU C 90 5.24 6.90 -6.98
CA GLU C 90 5.74 5.83 -7.83
C GLU C 90 7.05 5.31 -7.24
N TYR C 91 7.35 4.04 -7.50
CA TYR C 91 8.58 3.44 -7.01
C TYR C 91 9.05 2.41 -8.04
N THR C 92 10.16 2.70 -8.69
CA THR C 92 10.72 1.76 -9.66
C THR C 92 12.23 1.65 -9.58
N SER C 93 12.88 2.35 -8.66
CA SER C 93 14.32 2.27 -8.46
C SER C 93 14.62 2.78 -7.05
N TYR C 94 15.88 3.11 -6.79
CA TYR C 94 16.28 3.70 -5.51
C TYR C 94 15.88 5.17 -5.50
N GLY C 95 14.62 5.41 -5.19
CA GLY C 95 14.10 6.77 -5.10
C GLY C 95 12.64 6.84 -5.53
N ARG C 96 11.95 7.87 -5.05
CA ARG C 96 10.55 8.07 -5.35
C ARG C 96 10.34 9.50 -5.84
N THR C 97 9.23 9.71 -6.55
CA THR C 97 8.84 11.03 -7.04
C THR C 97 7.36 11.21 -6.82
N PHE C 98 6.99 12.15 -5.95
CA PHE C 98 5.59 12.38 -5.62
C PHE C 98 4.91 13.23 -6.69
N GLY C 99 3.58 13.26 -6.64
CA GLY C 99 2.81 14.01 -7.60
C GLY C 99 2.63 15.47 -7.21
N GLN C 100 1.39 15.96 -7.25
CA GLN C 100 1.08 17.33 -6.89
C GLN C 100 0.03 17.45 -5.80
N GLY C 101 -0.99 16.62 -5.82
CA GLY C 101 -1.99 16.65 -4.78
C GLY C 101 -3.34 17.12 -5.30
N THR C 102 -4.40 16.57 -4.71
CA THR C 102 -5.77 16.91 -5.08
C THR C 102 -6.62 17.02 -3.82
N LYS C 103 -7.47 18.03 -3.77
CA LYS C 103 -8.35 18.26 -2.62
C LYS C 103 -9.78 17.95 -3.01
N VAL C 104 -10.48 17.23 -2.13
CA VAL C 104 -11.90 16.95 -2.31
C VAL C 104 -12.67 17.56 -1.15
N GLU C 105 -13.85 18.11 -1.45
CA GLU C 105 -14.66 18.76 -0.44
C GLU C 105 -16.12 18.34 -0.55
N ILE C 106 -16.98 18.95 0.24
CA ILE C 106 -18.42 18.67 0.21
C ILE C 106 -19.16 19.95 -0.14
N LYS C 107 -20.17 19.82 -0.97
CA LYS C 107 -20.96 20.95 -1.45
C LYS C 107 -22.30 21.00 -0.75
N ARG C 108 -22.89 22.20 -0.74
CA ARG C 108 -24.20 22.41 -0.15
C ARG C 108 -24.81 23.66 -0.77
N THR C 109 -26.04 23.96 -0.38
CA THR C 109 -26.72 25.13 -0.91
C THR C 109 -26.01 26.41 -0.47
N VAL C 110 -26.20 27.47 -1.26
CA VAL C 110 -25.51 28.73 -0.99
C VAL C 110 -26.02 29.34 0.30
N ALA C 111 -25.20 30.23 0.87
CA ALA C 111 -25.56 30.95 2.09
C ALA C 111 -24.99 32.35 1.99
N ALA C 112 -25.25 33.16 3.02
CA ALA C 112 -24.81 34.54 3.02
C ALA C 112 -24.01 34.84 4.28
N PRO C 113 -23.01 35.73 4.20
CA PRO C 113 -22.21 36.05 5.39
C PRO C 113 -22.97 36.93 6.38
N SER C 114 -22.35 37.19 7.52
CA SER C 114 -22.90 38.07 8.54
C SER C 114 -21.78 39.02 8.95
N VAL C 115 -21.71 40.18 8.31
CA VAL C 115 -20.65 41.14 8.59
C VAL C 115 -20.84 41.72 9.99
N PHE C 116 -19.75 41.85 10.73
CA PHE C 116 -19.76 42.36 12.09
C PHE C 116 -19.31 43.82 12.10
N ILE C 117 -19.30 44.41 13.30
CA ILE C 117 -18.85 45.77 13.53
C ILE C 117 -17.35 45.74 13.75
N PHE C 118 -16.64 46.67 13.11
CA PHE C 118 -15.18 46.62 13.05
C PHE C 118 -14.57 47.64 14.00
N PRO C 119 -13.98 47.21 15.11
CA PRO C 119 -13.48 48.17 16.10
C PRO C 119 -12.16 48.79 15.67
N PRO C 120 -12.01 50.12 15.82
CA PRO C 120 -10.73 50.74 15.53
C PRO C 120 -9.73 50.32 16.61
N SER C 121 -8.52 50.85 16.53
CA SER C 121 -7.43 50.55 17.45
C SER C 121 -6.96 51.81 18.15
N ASP C 122 -6.70 51.69 19.45
CA ASP C 122 -6.17 52.79 20.27
C ASP C 122 -4.85 52.43 20.95
N GLU C 123 -4.73 51.21 21.48
CA GLU C 123 -3.45 50.80 22.04
C GLU C 123 -2.39 50.68 20.96
N GLN C 124 -2.79 50.25 19.75
CA GLN C 124 -1.88 50.28 18.62
C GLN C 124 -1.45 51.70 18.30
N LEU C 125 -2.38 52.66 18.41
CA LEU C 125 -2.04 54.07 18.22
C LEU C 125 -1.02 54.52 19.25
N LYS C 126 -1.22 54.14 20.52
CA LYS C 126 -0.27 54.53 21.56
C LYS C 126 1.10 53.92 21.32
N SER C 127 1.14 52.65 20.92
CA SER C 127 2.42 51.98 20.71
C SER C 127 3.11 52.44 19.43
N GLY C 128 2.34 52.95 18.46
CA GLY C 128 2.91 53.34 17.19
C GLY C 128 1.92 53.26 16.05
N THR C 129 2.30 52.54 14.98
CA THR C 129 1.42 52.38 13.84
C THR C 129 0.15 51.64 14.24
N ALA C 130 -0.94 51.94 13.54
CA ALA C 130 -2.25 51.39 13.85
C ALA C 130 -2.67 50.36 12.80
N SER C 131 -3.66 49.54 13.18
CA SER C 131 -4.20 48.53 12.27
C SER C 131 -5.67 48.34 12.58
N VAL C 132 -6.42 47.97 11.54
CA VAL C 132 -7.85 47.70 11.66
C VAL C 132 -8.18 46.41 10.94
N VAL C 133 -9.34 45.84 11.25
CA VAL C 133 -9.71 44.51 10.81
C VAL C 133 -11.04 44.55 10.07
N CYS C 134 -11.06 43.99 8.88
CA CYS C 134 -12.29 43.67 8.16
C CYS C 134 -12.56 42.18 8.33
N LEU C 135 -13.68 41.84 8.96
CA LEU C 135 -13.99 40.46 9.34
C LEU C 135 -15.31 40.02 8.72
N LEU C 136 -15.29 38.84 8.11
CA LEU C 136 -16.50 38.14 7.68
C LEU C 136 -16.68 36.90 8.54
N ASN C 137 -17.80 36.20 8.34
CA ASN C 137 -18.10 35.05 9.19
C ASN C 137 -19.20 34.23 8.54
N ASN C 138 -18.97 32.93 8.38
CA ASN C 138 -19.97 31.96 7.97
C ASN C 138 -20.60 32.31 6.62
N PHE C 139 -19.76 32.24 5.58
CA PHE C 139 -20.23 32.42 4.22
C PHE C 139 -19.84 31.23 3.37
N TYR C 140 -20.46 31.14 2.19
CA TYR C 140 -20.21 30.10 1.21
C TYR C 140 -20.69 30.60 -0.13
N PRO C 141 -19.95 30.35 -1.23
CA PRO C 141 -18.66 29.65 -1.32
C PRO C 141 -17.48 30.53 -0.96
N ARG C 142 -16.25 30.02 -1.15
CA ARG C 142 -15.07 30.76 -0.72
C ARG C 142 -14.83 32.00 -1.56
N GLU C 143 -15.07 31.91 -2.87
CA GLU C 143 -14.69 32.98 -3.79
C GLU C 143 -15.35 34.31 -3.44
N ALA C 144 -14.54 35.27 -3.00
CA ALA C 144 -15.00 36.61 -2.67
C ALA C 144 -13.79 37.52 -2.60
N LYS C 145 -14.05 38.83 -2.70
CA LYS C 145 -13.00 39.82 -2.64
C LYS C 145 -13.45 41.00 -1.79
N VAL C 146 -12.48 41.72 -1.25
CA VAL C 146 -12.73 42.86 -0.39
C VAL C 146 -11.89 44.04 -0.88
N GLN C 147 -12.36 45.25 -0.57
CA GLN C 147 -11.64 46.47 -0.92
C GLN C 147 -12.09 47.57 0.02
N TRP C 148 -11.25 48.58 0.18
CA TRP C 148 -11.50 49.67 1.11
C TRP C 148 -11.44 51.01 0.38
N LYS C 149 -12.19 51.97 0.91
CA LYS C 149 -12.23 53.34 0.39
C LYS C 149 -12.00 54.30 1.54
N VAL C 150 -10.75 54.70 1.73
CA VAL C 150 -10.40 55.74 2.69
C VAL C 150 -10.52 57.08 1.99
N ASP C 151 -11.55 57.84 2.35
CA ASP C 151 -11.92 59.06 1.61
C ASP C 151 -12.11 58.75 0.12
N ASN C 152 -12.73 57.60 -0.14
CA ASN C 152 -13.01 57.13 -1.51
C ASN C 152 -11.71 57.03 -2.33
N ALA C 153 -10.76 56.27 -1.78
CA ALA C 153 -9.48 56.03 -2.44
C ALA C 153 -9.16 54.54 -2.41
N LEU C 154 -8.49 54.09 -3.47
CA LEU C 154 -8.14 52.69 -3.64
C LEU C 154 -6.68 52.49 -3.25
N GLN C 155 -6.42 51.41 -2.52
CA GLN C 155 -5.07 51.07 -2.06
C GLN C 155 -4.56 49.85 -2.84
N SER C 156 -3.30 49.90 -3.24
CA SER C 156 -2.69 48.84 -4.04
C SER C 156 -1.45 48.33 -3.34
N GLY C 157 -1.35 47.00 -3.21
CA GLY C 157 -0.18 46.37 -2.66
C GLY C 157 0.14 46.76 -1.23
N ASN C 158 -0.87 46.77 -0.36
CA ASN C 158 -0.64 47.15 1.03
C ASN C 158 -1.41 46.26 2.01
N SER C 159 -2.23 45.33 1.54
CA SER C 159 -3.05 44.51 2.41
C SER C 159 -2.87 43.03 2.09
N GLN C 160 -3.08 42.20 3.09
CA GLN C 160 -3.02 40.75 2.97
C GLN C 160 -4.25 40.14 3.62
N GLU C 161 -4.64 38.97 3.12
CA GLU C 161 -5.86 38.30 3.57
C GLU C 161 -5.56 36.87 3.98
N SER C 162 -6.39 36.34 4.86
CA SER C 162 -6.28 34.97 5.32
C SER C 162 -7.67 34.34 5.37
N VAL C 163 -7.72 33.04 5.09
CA VAL C 163 -8.98 32.29 5.09
C VAL C 163 -8.77 31.00 5.87
N THR C 164 -9.74 30.64 6.70
CA THR C 164 -9.66 29.43 7.48
C THR C 164 -10.03 28.22 6.61
N GLU C 165 -9.73 27.03 7.12
CA GLU C 165 -10.12 25.81 6.45
C GLU C 165 -11.62 25.60 6.59
N GLN C 166 -12.16 24.70 5.76
CA GLN C 166 -13.59 24.42 5.78
C GLN C 166 -14.00 23.86 7.14
N ASP C 167 -15.07 24.42 7.70
CA ASP C 167 -15.57 23.96 8.98
C ASP C 167 -16.11 22.55 8.87
N SER C 168 -16.00 21.79 9.97
CA SER C 168 -16.46 20.41 10.01
C SER C 168 -17.88 20.28 10.55
N LYS C 169 -18.56 21.39 10.82
CA LYS C 169 -19.90 21.37 11.37
C LYS C 169 -20.97 21.73 10.35
N ASP C 170 -20.79 22.83 9.62
CA ASP C 170 -21.80 23.29 8.67
C ASP C 170 -21.23 23.58 7.29
N SER C 171 -19.97 23.24 7.04
CA SER C 171 -19.33 23.42 5.73
C SER C 171 -19.36 24.88 5.30
N THR C 172 -18.71 25.73 6.10
CA THR C 172 -18.64 27.16 5.82
C THR C 172 -17.20 27.63 6.06
N TYR C 173 -16.94 28.89 5.69
CA TYR C 173 -15.60 29.45 5.79
C TYR C 173 -15.61 30.74 6.61
N SER C 174 -14.48 31.44 6.62
CA SER C 174 -14.36 32.73 7.28
C SER C 174 -13.26 33.53 6.62
N LEU C 175 -13.33 34.85 6.76
CA LEU C 175 -12.36 35.74 6.12
C LEU C 175 -11.94 36.83 7.09
N SER C 176 -10.75 37.37 6.86
CA SER C 176 -10.22 38.44 7.69
C SER C 176 -9.12 39.16 6.91
N SER C 177 -9.30 40.47 6.71
CA SER C 177 -8.35 41.29 5.99
C SER C 177 -7.88 42.44 6.88
N THR C 178 -6.59 42.74 6.81
CA THR C 178 -5.98 43.76 7.64
C THR C 178 -5.18 44.73 6.78
N LEU C 179 -4.99 45.93 7.32
CA LEU C 179 -4.20 46.97 6.66
C LEU C 179 -3.27 47.62 7.68
N THR C 180 -2.07 47.96 7.23
CA THR C 180 -1.08 48.62 8.06
C THR C 180 -0.87 50.04 7.53
N LEU C 181 -1.06 51.02 8.41
CA LEU C 181 -0.89 52.43 8.05
C LEU C 181 -0.04 53.12 9.12
N SER C 182 0.66 54.17 8.69
CA SER C 182 1.58 54.86 9.58
C SER C 182 0.82 55.67 10.61
N LYS C 183 1.55 56.06 11.67
CA LYS C 183 0.94 56.87 12.73
C LYS C 183 0.51 58.24 12.19
N ALA C 184 1.34 58.87 11.36
CA ALA C 184 1.03 60.20 10.87
C ALA C 184 -0.20 60.20 9.97
N ASP C 185 -0.35 59.17 9.13
CA ASP C 185 -1.46 59.14 8.19
C ASP C 185 -2.81 59.07 8.91
N TYR C 186 -2.87 58.28 9.99
CA TYR C 186 -4.15 58.11 10.68
C TYR C 186 -4.62 59.39 11.35
N GLU C 187 -3.70 60.30 11.67
CA GLU C 187 -4.09 61.56 12.29
C GLU C 187 -4.99 62.38 11.37
N LYS C 188 -4.64 62.43 10.09
CA LYS C 188 -5.48 63.11 9.11
C LYS C 188 -6.63 62.21 8.69
N HIS C 189 -7.43 62.69 7.73
CA HIS C 189 -8.57 61.97 7.18
C HIS C 189 -9.66 61.70 8.23
N LYS C 190 -10.87 61.45 7.78
CA LYS C 190 -11.96 61.21 8.72
C LYS C 190 -12.75 59.95 8.45
N VAL C 191 -12.96 59.60 7.17
CA VAL C 191 -13.90 58.56 6.79
C VAL C 191 -13.15 57.40 6.17
N TYR C 192 -13.40 56.19 6.67
CA TYR C 192 -12.94 54.96 6.07
C TYR C 192 -14.01 53.88 6.27
N ALA C 193 -14.07 52.94 5.34
CA ALA C 193 -15.13 51.94 5.37
C ALA C 193 -14.66 50.67 4.66
N CYS C 194 -15.39 49.60 4.89
CA CYS C 194 -15.12 48.29 4.30
C CYS C 194 -16.14 48.03 3.19
N GLU C 195 -15.65 47.62 2.02
CA GLU C 195 -16.50 47.27 0.89
C GLU C 195 -16.30 45.79 0.58
N VAL C 196 -17.40 45.03 0.56
CA VAL C 196 -17.35 43.59 0.34
C VAL C 196 -18.23 43.24 -0.86
N THR C 197 -17.92 42.09 -1.46
CA THR C 197 -18.66 41.58 -2.60
C THR C 197 -18.82 40.08 -2.47
N HIS C 198 -19.99 39.57 -2.83
CA HIS C 198 -20.27 38.14 -2.75
C HIS C 198 -21.28 37.76 -3.81
N GLN C 199 -21.05 36.63 -4.48
CA GLN C 199 -21.98 36.15 -5.49
C GLN C 199 -23.30 35.72 -4.86
N GLY C 200 -23.29 35.32 -3.59
CA GLY C 200 -24.52 34.97 -2.90
C GLY C 200 -25.30 36.15 -2.38
N LEU C 201 -24.72 37.36 -2.43
CA LEU C 201 -25.39 38.56 -1.97
C LEU C 201 -26.00 39.30 -3.16
N SER C 202 -27.22 39.80 -2.97
CA SER C 202 -27.90 40.52 -4.04
C SER C 202 -27.17 41.80 -4.40
N SER C 203 -26.73 42.56 -3.41
CA SER C 203 -26.02 43.81 -3.62
C SER C 203 -24.93 43.96 -2.57
N PRO C 204 -23.85 44.67 -2.89
CA PRO C 204 -22.80 44.91 -1.90
C PRO C 204 -23.33 45.72 -0.73
N VAL C 205 -22.78 45.46 0.46
CA VAL C 205 -23.19 46.13 1.69
C VAL C 205 -22.06 47.03 2.16
N THR C 206 -22.43 48.02 2.97
CA THR C 206 -21.50 49.01 3.46
C THR C 206 -21.52 49.04 4.99
N LYS C 207 -20.33 49.08 5.59
CA LYS C 207 -20.17 49.23 7.02
C LYS C 207 -19.33 50.45 7.31
N SER C 208 -19.81 51.30 8.22
CA SER C 208 -19.15 52.56 8.55
C SER C 208 -18.15 52.35 9.69
N PHE C 209 -17.57 53.44 10.14
CA PHE C 209 -16.59 53.44 11.22
C PHE C 209 -17.20 54.11 12.45
N ASN C 210 -16.44 54.06 13.55
CA ASN C 210 -16.81 54.73 14.79
C ASN C 210 -15.54 55.23 15.46
N ARG C 211 -15.46 56.54 15.70
CA ARG C 211 -14.28 57.16 16.27
C ARG C 211 -14.65 57.85 17.57
N GLY C 212 -13.81 57.66 18.59
CA GLY C 212 -14.03 58.24 19.89
C GLY C 212 -14.75 57.35 20.88
N GLU C 213 -15.43 56.31 20.41
CA GLU C 213 -16.16 55.39 21.28
C GLU C 213 -16.47 54.09 20.57
N GLN D 1 -5.57 5.47 -21.84
CA GLN D 1 -5.51 4.02 -21.95
C GLN D 1 -4.89 3.59 -23.27
N VAL D 2 -4.90 2.29 -23.54
CA VAL D 2 -4.32 1.72 -24.75
C VAL D 2 -5.44 1.10 -25.58
N LYS D 3 -5.49 1.45 -26.85
CA LYS D 3 -6.52 0.98 -27.76
C LYS D 3 -5.89 0.55 -29.07
N LEU D 4 -6.55 -0.41 -29.73
CA LEU D 4 -6.12 -0.91 -31.04
C LEU D 4 -7.31 -0.85 -31.98
N VAL D 5 -7.08 -0.31 -33.18
CA VAL D 5 -8.12 -0.19 -34.20
C VAL D 5 -7.55 -0.60 -35.54
N GLU D 6 -8.35 -1.32 -36.31
CA GLU D 6 -7.96 -1.81 -37.64
C GLU D 6 -8.98 -1.32 -38.67
N SER D 7 -8.59 -1.43 -39.94
CA SER D 7 -9.43 -0.97 -41.03
C SER D 7 -9.06 -1.72 -42.30
N GLY D 8 -9.95 -1.66 -43.29
CA GLY D 8 -9.73 -2.29 -44.58
C GLY D 8 -10.70 -3.41 -44.92
N GLY D 9 -11.68 -3.70 -44.08
CA GLY D 9 -12.61 -4.77 -44.37
C GLY D 9 -13.57 -4.41 -45.48
N GLY D 10 -14.11 -5.45 -46.11
CA GLY D 10 -15.07 -5.27 -47.18
C GLY D 10 -15.04 -6.44 -48.13
N VAL D 11 -16.00 -6.42 -49.06
CA VAL D 11 -16.10 -7.47 -50.06
C VAL D 11 -14.92 -7.36 -51.02
N VAL D 12 -14.54 -8.51 -51.60
CA VAL D 12 -13.40 -8.56 -52.51
C VAL D 12 -13.69 -9.56 -53.61
N GLN D 13 -13.36 -9.18 -54.83
CA GLN D 13 -13.41 -10.10 -55.97
C GLN D 13 -12.36 -11.19 -55.78
N PRO D 14 -12.75 -12.46 -55.75
CA PRO D 14 -11.75 -13.53 -55.59
C PRO D 14 -10.67 -13.45 -56.66
N GLY D 15 -9.43 -13.70 -56.23
CA GLY D 15 -8.28 -13.55 -57.09
C GLY D 15 -7.67 -12.16 -57.11
N ARG D 16 -8.21 -11.23 -56.33
CA ARG D 16 -7.70 -9.87 -56.27
C ARG D 16 -7.09 -9.60 -54.90
N SER D 17 -6.16 -8.65 -54.86
CA SER D 17 -5.40 -8.35 -53.66
C SER D 17 -6.18 -7.43 -52.72
N LEU D 18 -5.68 -7.33 -51.49
CA LEU D 18 -6.29 -6.49 -50.46
C LEU D 18 -5.22 -6.18 -49.44
N ARG D 19 -5.32 -5.02 -48.79
CA ARG D 19 -4.34 -4.57 -47.81
C ARG D 19 -4.99 -4.37 -46.45
N LEU D 20 -4.33 -4.85 -45.40
CA LEU D 20 -4.80 -4.71 -44.03
C LEU D 20 -3.78 -3.89 -43.24
N SER D 21 -4.28 -3.06 -42.33
CA SER D 21 -3.41 -2.22 -41.51
C SER D 21 -4.01 -2.05 -40.13
N CYS D 22 -3.19 -2.26 -39.10
CA CYS D 22 -3.60 -2.07 -37.71
C CYS D 22 -3.00 -0.80 -37.15
N GLU D 23 -3.84 0.01 -36.52
CA GLU D 23 -3.44 1.29 -35.94
C GLU D 23 -3.23 1.13 -34.44
N ALA D 24 -2.10 1.61 -33.94
CA ALA D 24 -1.75 1.53 -32.53
C ALA D 24 -1.71 2.92 -31.95
N SER D 25 -2.47 3.14 -30.87
CA SER D 25 -2.52 4.44 -30.21
C SER D 25 -2.52 4.23 -28.71
N GLY D 26 -1.99 5.23 -27.99
CA GLY D 26 -1.97 5.20 -26.54
C GLY D 26 -0.69 4.69 -25.92
N PHE D 27 0.30 4.32 -26.72
CA PHE D 27 1.57 3.83 -26.19
C PHE D 27 2.66 4.11 -27.23
N ILE D 28 3.86 3.62 -26.96
CA ILE D 28 5.00 3.78 -27.83
C ILE D 28 5.54 2.39 -28.18
N PHE D 29 5.84 2.19 -29.46
CA PHE D 29 6.28 0.88 -29.96
C PHE D 29 7.74 0.66 -29.57
N SER D 30 8.37 -0.31 -30.23
CA SER D 30 9.78 -0.66 -30.04
C SER D 30 10.03 -1.32 -28.69
N THR D 31 9.06 -2.12 -28.23
CA THR D 31 9.25 -2.91 -27.02
C THR D 31 9.23 -4.41 -27.29
N TYR D 32 8.14 -4.96 -27.81
CA TYR D 32 8.14 -6.41 -28.01
C TYR D 32 7.62 -6.86 -29.36
N GLY D 33 6.59 -6.20 -29.91
CA GLY D 33 6.05 -6.56 -31.19
C GLY D 33 4.57 -6.86 -31.12
N MET D 34 4.01 -7.24 -32.27
CA MET D 34 2.58 -7.48 -32.41
C MET D 34 2.33 -8.82 -33.09
N HIS D 35 1.06 -9.22 -33.10
CA HIS D 35 0.63 -10.46 -33.75
C HIS D 35 -0.68 -10.20 -34.49
N TRP D 36 -0.96 -11.04 -35.47
CA TRP D 36 -2.24 -11.08 -36.15
C TRP D 36 -2.88 -12.44 -35.93
N VAL D 37 -4.13 -12.44 -35.47
CA VAL D 37 -4.87 -13.66 -35.20
C VAL D 37 -6.23 -13.56 -35.86
N ARG D 38 -6.73 -14.70 -36.35
CA ARG D 38 -8.00 -14.75 -37.07
C ARG D 38 -8.85 -15.89 -36.55
N GLN D 39 -10.15 -15.81 -36.83
CA GLN D 39 -11.10 -16.83 -36.40
C GLN D 39 -12.07 -17.13 -37.53
N ALA D 40 -12.07 -18.37 -38.00
CA ALA D 40 -13.03 -18.78 -39.01
C ALA D 40 -14.43 -18.77 -38.43
N PRO D 41 -15.46 -18.59 -39.28
CA PRO D 41 -16.84 -18.52 -38.76
C PRO D 41 -17.27 -19.86 -38.16
N GLY D 42 -17.52 -19.84 -36.85
CA GLY D 42 -17.98 -21.02 -36.15
C GLY D 42 -16.90 -21.97 -35.69
N LYS D 43 -15.63 -21.69 -35.99
CA LYS D 43 -14.52 -22.55 -35.61
C LYS D 43 -13.67 -21.87 -34.54
N GLY D 44 -12.57 -22.52 -34.17
CA GLY D 44 -11.67 -21.99 -33.17
C GLY D 44 -10.70 -20.97 -33.74
N LEU D 45 -9.91 -20.39 -32.85
CA LEU D 45 -8.93 -19.39 -33.25
C LEU D 45 -7.73 -20.07 -33.92
N GLU D 46 -6.96 -19.26 -34.65
CA GLU D 46 -5.81 -19.76 -35.37
C GLU D 46 -4.79 -18.63 -35.52
N TRP D 47 -3.51 -18.99 -35.39
CA TRP D 47 -2.42 -18.02 -35.46
C TRP D 47 -2.03 -17.76 -36.91
N VAL D 48 -1.55 -16.54 -37.18
CA VAL D 48 -1.25 -16.14 -38.55
C VAL D 48 0.20 -15.70 -38.71
N ALA D 49 0.63 -14.65 -38.02
CA ALA D 49 1.94 -14.06 -38.26
C ALA D 49 2.45 -13.38 -37.00
N VAL D 50 3.65 -12.81 -37.10
CA VAL D 50 4.31 -12.14 -35.99
C VAL D 50 5.32 -11.16 -36.55
N ILE D 51 5.44 -9.99 -35.92
CA ILE D 51 6.43 -9.00 -36.32
C ILE D 51 6.95 -8.25 -35.09
N TRP D 52 8.23 -8.43 -34.78
CA TRP D 52 8.84 -7.66 -33.70
C TRP D 52 9.22 -6.27 -34.19
N PHE D 53 9.69 -5.44 -33.27
CA PHE D 53 10.14 -4.11 -33.65
C PHE D 53 11.39 -4.20 -34.50
N ASP D 54 11.48 -3.33 -35.50
CA ASP D 54 12.53 -3.38 -36.53
C ASP D 54 12.57 -4.73 -37.21
N GLY D 55 13.61 -4.98 -38.01
CA GLY D 55 13.77 -6.26 -38.66
C GLY D 55 13.98 -7.39 -37.69
N SER D 56 13.15 -8.42 -37.78
CA SER D 56 13.26 -9.58 -36.91
C SER D 56 12.73 -10.80 -37.66
N ASN D 57 12.45 -11.86 -36.92
CA ASN D 57 11.83 -13.04 -37.51
C ASN D 57 10.41 -12.71 -37.97
N ILE D 58 10.03 -13.27 -39.11
CA ILE D 58 8.73 -13.02 -39.72
C ILE D 58 7.96 -14.33 -39.82
N TYR D 59 8.15 -15.19 -38.82
CA TYR D 59 7.59 -16.53 -38.83
C TYR D 59 6.11 -16.53 -39.19
N TYR D 60 5.74 -17.36 -40.16
CA TYR D 60 4.37 -17.51 -40.60
C TYR D 60 3.85 -18.89 -40.27
N ALA D 61 2.53 -19.01 -40.21
CA ALA D 61 1.90 -20.32 -40.06
C ALA D 61 2.11 -21.14 -41.33
N ASP D 62 2.23 -22.46 -41.15
CA ASP D 62 2.48 -23.34 -42.28
C ASP D 62 1.32 -23.36 -43.28
N SER D 63 0.11 -23.04 -42.83
CA SER D 63 -1.05 -23.04 -43.72
C SER D 63 -0.95 -21.98 -44.81
N VAL D 64 -0.20 -20.91 -44.57
CA VAL D 64 0.01 -19.85 -45.55
C VAL D 64 1.50 -19.79 -45.89
N LYS D 65 1.83 -18.98 -46.88
CA LYS D 65 3.20 -18.89 -47.35
C LYS D 65 3.59 -17.43 -47.57
N GLY D 66 4.72 -17.19 -48.25
CA GLY D 66 5.27 -15.86 -48.45
C GLY D 66 4.33 -14.85 -49.07
N ARG D 67 3.16 -15.29 -49.52
CA ARG D 67 2.15 -14.37 -50.05
C ARG D 67 1.52 -13.51 -48.97
N PHE D 68 1.98 -13.58 -47.72
CA PHE D 68 1.37 -12.84 -46.62
C PHE D 68 2.39 -11.88 -46.03
N THR D 69 3.09 -11.13 -46.89
CA THR D 69 4.14 -10.23 -46.42
C THR D 69 3.58 -9.21 -45.44
N ILE D 70 4.32 -9.00 -44.34
CA ILE D 70 3.91 -8.11 -43.27
C ILE D 70 5.09 -7.21 -42.93
N SER D 71 4.84 -5.90 -42.82
CA SER D 71 5.90 -4.94 -42.53
C SER D 71 5.35 -3.83 -41.65
N ARG D 72 6.27 -3.11 -41.02
CA ARG D 72 5.94 -2.01 -40.13
C ARG D 72 6.43 -0.69 -40.73
N ASP D 73 5.58 0.33 -40.64
CA ASP D 73 5.95 1.64 -41.14
C ASP D 73 7.10 2.22 -40.32
N ASN D 74 8.05 2.85 -41.01
CA ASN D 74 9.22 3.42 -40.33
C ASN D 74 8.88 4.69 -39.57
N SER D 75 7.93 5.47 -40.06
CA SER D 75 7.62 6.76 -39.42
C SER D 75 6.76 6.58 -38.17
N LYS D 76 5.56 6.05 -38.34
CA LYS D 76 4.63 5.86 -37.24
C LYS D 76 4.63 4.42 -36.76
N ASN D 77 3.88 4.18 -35.69
CA ASN D 77 3.80 2.85 -35.08
C ASN D 77 2.58 2.11 -35.63
N THR D 78 2.67 1.77 -36.91
CA THR D 78 1.61 1.03 -37.60
C THR D 78 2.20 -0.21 -38.25
N VAL D 79 1.36 -1.22 -38.42
CA VAL D 79 1.76 -2.49 -39.01
C VAL D 79 0.87 -2.77 -40.21
N PHE D 80 1.48 -3.16 -41.33
CA PHE D 80 0.78 -3.42 -42.58
C PHE D 80 0.81 -4.90 -42.91
N MET D 81 -0.14 -5.33 -43.72
CA MET D 81 -0.20 -6.71 -44.19
C MET D 81 -0.87 -6.74 -45.55
N GLN D 82 -0.33 -7.54 -46.46
CA GLN D 82 -0.79 -7.62 -47.83
C GLN D 82 -1.51 -8.95 -48.05
N MET D 83 -2.72 -8.87 -48.60
CA MET D 83 -3.53 -10.05 -48.89
C MET D 83 -3.59 -10.22 -50.40
N ASP D 84 -3.36 -11.44 -50.88
CA ASP D 84 -3.46 -11.72 -52.31
C ASP D 84 -3.64 -13.22 -52.51
N SER D 85 -4.09 -13.57 -53.72
CA SER D 85 -4.31 -14.96 -54.10
C SER D 85 -5.26 -15.65 -53.11
N LEU D 86 -6.34 -14.95 -52.78
CA LEU D 86 -7.29 -15.43 -51.79
C LEU D 86 -8.03 -16.66 -52.30
N ARG D 87 -8.72 -17.33 -51.39
CA ARG D 87 -9.49 -18.53 -51.68
C ARG D 87 -10.91 -18.36 -51.15
N ALA D 88 -11.76 -19.35 -51.42
CA ALA D 88 -13.14 -19.29 -50.98
C ALA D 88 -13.29 -19.50 -49.49
N GLU D 89 -12.32 -20.16 -48.85
CA GLU D 89 -12.39 -20.47 -47.43
C GLU D 89 -11.64 -19.46 -46.55
N ASP D 90 -11.12 -18.39 -47.13
CA ASP D 90 -10.35 -17.43 -46.35
C ASP D 90 -11.22 -16.42 -45.61
N THR D 91 -12.55 -16.48 -45.75
CA THR D 91 -13.41 -15.58 -45.02
C THR D 91 -13.33 -15.86 -43.52
N ALA D 92 -13.12 -14.80 -42.75
CA ALA D 92 -12.95 -14.90 -41.30
C ALA D 92 -13.00 -13.50 -40.72
N VAL D 93 -12.67 -13.38 -39.43
CA VAL D 93 -12.56 -12.10 -38.74
C VAL D 93 -11.14 -11.98 -38.21
N TYR D 94 -10.49 -10.87 -38.51
CA TYR D 94 -9.08 -10.67 -38.16
C TYR D 94 -8.96 -9.71 -36.99
N TYR D 95 -8.29 -10.15 -35.92
CA TYR D 95 -8.06 -9.35 -34.74
C TYR D 95 -6.64 -8.78 -34.75
N CYS D 96 -6.31 -8.03 -33.70
CA CYS D 96 -4.98 -7.45 -33.52
C CYS D 96 -4.53 -7.75 -32.11
N HIS D 97 -3.35 -8.36 -31.97
CA HIS D 97 -2.89 -8.90 -30.70
C HIS D 97 -1.51 -8.37 -30.37
N ARG D 98 -1.30 -8.02 -29.10
CA ARG D 98 0.02 -7.62 -28.62
C ARG D 98 0.14 -8.01 -27.16
N ASN D 99 0.94 -9.03 -26.88
CA ASN D 99 1.06 -9.61 -25.55
C ASN D 99 2.52 -9.74 -25.17
N PHE D 100 2.85 -9.37 -23.94
CA PHE D 100 4.19 -9.56 -23.40
C PHE D 100 4.10 -9.64 -21.88
N TYR D 101 4.89 -10.52 -21.29
CA TYR D 101 4.85 -10.79 -19.86
C TYR D 101 6.02 -10.11 -19.17
N ASP D 102 5.74 -9.43 -18.08
CA ASP D 102 6.74 -8.69 -17.32
C ASP D 102 6.89 -9.31 -15.94
N GLY D 103 7.71 -8.67 -15.10
CA GLY D 103 7.96 -9.13 -13.75
C GLY D 103 6.90 -8.77 -12.74
N SER D 104 5.86 -8.05 -13.15
CA SER D 104 4.77 -7.66 -12.25
C SER D 104 3.43 -8.28 -12.59
N GLY D 105 3.25 -8.71 -13.83
CA GLY D 105 1.99 -9.27 -14.27
C GLY D 105 1.91 -9.38 -15.77
N PRO D 106 0.75 -9.81 -16.28
CA PRO D 106 0.57 -9.92 -17.73
C PRO D 106 -0.10 -8.69 -18.33
N PHE D 107 0.07 -8.56 -19.63
CA PHE D 107 -0.59 -7.53 -20.43
C PHE D 107 -1.14 -8.17 -21.69
N ASP D 108 -2.42 -7.92 -21.99
CA ASP D 108 -3.10 -8.59 -23.09
C ASP D 108 -3.48 -7.64 -24.21
N TYR D 109 -4.32 -6.63 -23.93
CA TYR D 109 -4.68 -5.59 -24.89
C TYR D 109 -5.11 -6.16 -26.24
N TRP D 110 -6.25 -6.85 -26.22
CA TRP D 110 -6.78 -7.41 -27.46
C TRP D 110 -7.40 -6.31 -28.32
N GLY D 111 -7.57 -6.63 -29.60
CA GLY D 111 -8.10 -5.70 -30.57
C GLY D 111 -9.61 -5.64 -30.58
N GLN D 112 -10.15 -5.12 -31.68
CA GLN D 112 -11.59 -4.99 -31.86
C GLN D 112 -12.15 -6.01 -32.83
N GLY D 113 -11.61 -6.09 -34.04
CA GLY D 113 -12.04 -7.09 -35.00
C GLY D 113 -12.75 -6.53 -36.21
N THR D 114 -12.32 -6.95 -37.39
CA THR D 114 -12.94 -6.56 -38.66
C THR D 114 -13.25 -7.81 -39.46
N LEU D 115 -14.21 -7.68 -40.38
CA LEU D 115 -14.70 -8.81 -41.16
C LEU D 115 -14.24 -8.69 -42.62
N VAL D 116 -13.76 -9.81 -43.16
CA VAL D 116 -13.38 -9.91 -44.56
C VAL D 116 -14.07 -11.13 -45.16
N THR D 117 -14.74 -10.95 -46.28
CA THR D 117 -15.48 -12.02 -46.93
C THR D 117 -15.18 -12.04 -48.42
N VAL D 118 -15.30 -13.23 -49.01
CA VAL D 118 -15.10 -13.44 -50.44
C VAL D 118 -16.38 -14.07 -51.02
N SER D 119 -16.83 -13.54 -52.15
CA SER D 119 -18.04 -14.00 -52.81
C SER D 119 -18.08 -13.37 -54.20
N SER D 120 -19.17 -13.63 -54.92
CA SER D 120 -19.37 -13.07 -56.25
C SER D 120 -20.81 -12.61 -56.44
N ILE E 2 4.56 -28.58 -34.05
CA ILE E 2 3.95 -28.94 -32.77
C ILE E 2 2.44 -28.99 -32.89
N GLN E 3 1.89 -30.18 -32.63
CA GLN E 3 0.44 -30.40 -32.66
C GLN E 3 -0.08 -30.46 -31.23
N MET E 4 -1.17 -29.73 -30.97
CA MET E 4 -1.70 -29.60 -29.63
C MET E 4 -3.18 -29.95 -29.65
N THR E 5 -3.60 -30.84 -28.75
CA THR E 5 -4.95 -31.38 -28.75
C THR E 5 -5.62 -31.16 -27.40
N GLN E 6 -6.93 -31.01 -27.44
CA GLN E 6 -7.78 -30.94 -26.25
C GLN E 6 -8.77 -32.09 -26.29
N SER E 7 -8.81 -32.87 -25.21
CA SER E 7 -9.59 -34.10 -25.20
C SER E 7 -11.09 -33.85 -25.03
N PRO E 8 -11.56 -33.19 -23.95
CA PRO E 8 -13.01 -33.13 -23.71
C PRO E 8 -13.70 -32.13 -24.62
N SER E 9 -14.09 -32.58 -25.82
CA SER E 9 -14.66 -31.66 -26.80
C SER E 9 -15.98 -31.05 -26.34
N THR E 10 -16.79 -31.80 -25.58
CA THR E 10 -18.07 -31.28 -25.12
C THR E 10 -18.34 -31.77 -23.71
N LEU E 11 -18.64 -30.83 -22.81
CA LEU E 11 -18.91 -31.11 -21.41
C LEU E 11 -20.24 -30.50 -21.01
N SER E 12 -20.81 -31.03 -19.93
CA SER E 12 -22.03 -30.50 -19.36
C SER E 12 -22.08 -30.87 -17.88
N ALA E 13 -22.86 -30.11 -17.12
CA ALA E 13 -22.96 -30.31 -15.69
C ALA E 13 -24.18 -29.57 -15.16
N SER E 14 -24.48 -29.80 -13.89
CA SER E 14 -25.57 -29.12 -13.20
C SER E 14 -25.05 -27.83 -12.58
N VAL E 15 -25.85 -27.22 -11.72
CA VAL E 15 -25.48 -25.94 -11.10
C VAL E 15 -24.57 -26.22 -9.91
N GLY E 16 -23.27 -26.29 -10.17
CA GLY E 16 -22.28 -26.51 -9.13
C GLY E 16 -21.79 -27.94 -9.09
N ASP E 17 -20.64 -28.19 -9.72
CA ASP E 17 -20.04 -29.53 -9.79
C ASP E 17 -18.53 -29.36 -9.97
N ARG E 18 -17.86 -30.47 -10.21
CA ARG E 18 -16.42 -30.47 -10.52
C ARG E 18 -16.26 -30.85 -11.99
N VAL E 19 -15.64 -29.97 -12.76
CA VAL E 19 -15.44 -30.17 -14.19
C VAL E 19 -13.96 -30.07 -14.48
N THR E 20 -13.44 -31.03 -15.25
CA THR E 20 -12.02 -31.12 -15.56
C THR E 20 -11.80 -31.10 -17.06
N ILE E 21 -10.75 -30.41 -17.49
CA ILE E 21 -10.38 -30.29 -18.88
C ILE E 21 -8.92 -30.71 -19.04
N THR E 22 -8.59 -31.32 -20.17
CA THR E 22 -7.26 -31.82 -20.45
C THR E 22 -6.65 -31.06 -21.61
N CYS E 23 -5.42 -30.60 -21.43
CA CYS E 23 -4.65 -29.86 -22.44
C CYS E 23 -3.31 -30.55 -22.66
N ARG E 24 -3.35 -31.86 -22.87
CA ARG E 24 -2.14 -32.64 -23.08
C ARG E 24 -1.46 -32.24 -24.38
N ALA E 25 -0.26 -31.70 -24.28
CA ALA E 25 0.51 -31.29 -25.44
C ALA E 25 1.23 -32.50 -26.03
N SER E 26 2.17 -32.25 -26.95
CA SER E 26 2.93 -33.31 -27.59
C SER E 26 4.42 -33.24 -27.28
N GLN E 27 5.04 -32.09 -27.48
CA GLN E 27 6.48 -31.97 -27.30
C GLN E 27 6.79 -31.72 -25.83
N PHE E 28 8.04 -31.36 -25.54
CA PHE E 28 8.50 -31.09 -24.19
C PHE E 28 8.55 -29.59 -23.94
N ILE E 29 7.75 -29.13 -22.99
CA ILE E 29 7.75 -27.73 -22.59
C ILE E 29 7.78 -27.66 -21.07
N SER E 30 8.29 -26.55 -20.56
CA SER E 30 8.26 -26.28 -19.13
C SER E 30 6.88 -25.74 -18.77
N ARG E 31 6.77 -25.09 -17.62
CA ARG E 31 5.49 -24.50 -17.23
C ARG E 31 5.22 -23.23 -18.01
N TRP E 32 4.96 -23.36 -19.32
CA TRP E 32 4.63 -22.24 -20.20
C TRP E 32 3.30 -22.56 -20.86
N LEU E 33 2.20 -22.11 -20.26
CA LEU E 33 0.88 -22.38 -20.80
C LEU E 33 -0.09 -21.35 -20.24
N ALA E 34 -1.20 -21.15 -20.96
CA ALA E 34 -2.22 -20.19 -20.55
C ALA E 34 -3.57 -20.63 -21.08
N TRP E 35 -4.63 -20.12 -20.45
CA TRP E 35 -6.00 -20.46 -20.81
C TRP E 35 -6.79 -19.19 -21.10
N TYR E 36 -7.67 -19.28 -22.09
CA TYR E 36 -8.52 -18.17 -22.49
C TYR E 36 -9.99 -18.57 -22.45
N GLN E 37 -10.84 -17.61 -22.08
CA GLN E 37 -12.28 -17.81 -22.06
C GLN E 37 -12.92 -16.79 -23.00
N GLN E 38 -13.74 -17.27 -23.94
CA GLN E 38 -14.40 -16.42 -24.92
C GLN E 38 -15.90 -16.58 -24.81
N LYS E 39 -16.58 -15.49 -24.63
CA LYS E 39 -18.03 -15.53 -24.75
C LYS E 39 -18.44 -15.30 -26.19
N PRO E 40 -19.59 -15.81 -26.61
CA PRO E 40 -20.00 -15.63 -28.02
C PRO E 40 -20.12 -14.16 -28.40
N GLY E 41 -19.68 -13.85 -29.61
CA GLY E 41 -19.75 -12.49 -30.12
C GLY E 41 -18.89 -11.49 -29.38
N LYS E 42 -17.66 -11.87 -29.03
CA LYS E 42 -16.74 -10.97 -28.33
C LYS E 42 -15.33 -11.51 -28.49
N ALA E 43 -14.37 -10.82 -27.83
CA ALA E 43 -12.95 -11.13 -27.84
C ALA E 43 -12.57 -11.98 -26.62
N PRO E 44 -11.54 -12.80 -26.73
CA PRO E 44 -11.16 -13.66 -25.61
C PRO E 44 -10.62 -12.86 -24.43
N LYS E 45 -10.40 -13.57 -23.33
CA LYS E 45 -9.88 -13.00 -22.10
C LYS E 45 -8.89 -13.96 -21.47
N LEU E 46 -7.79 -13.42 -20.93
CA LEU E 46 -6.79 -14.24 -20.27
C LEU E 46 -7.25 -14.62 -18.88
N LEU E 47 -7.02 -15.88 -18.51
CA LEU E 47 -7.49 -16.41 -17.23
C LEU E 47 -6.34 -16.75 -16.29
N ILE E 48 -5.43 -17.65 -16.69
CA ILE E 48 -4.29 -18.00 -15.86
C ILE E 48 -3.04 -18.07 -16.74
N TYR E 49 -1.89 -17.91 -16.10
CA TYR E 49 -0.60 -18.00 -16.76
C TYR E 49 0.35 -18.76 -15.85
N LYS E 50 1.42 -19.29 -16.46
CA LYS E 50 2.38 -20.19 -15.82
C LYS E 50 1.74 -21.51 -15.40
N ALA E 51 0.51 -21.78 -15.87
CA ALA E 51 -0.23 -23.02 -15.63
C ALA E 51 -0.65 -23.18 -14.18
N SER E 52 -0.23 -22.27 -13.30
CA SER E 52 -0.62 -22.34 -11.90
C SER E 52 -1.03 -21.01 -11.29
N SER E 53 -0.60 -19.87 -11.82
CA SER E 53 -0.86 -18.58 -11.20
C SER E 53 -2.29 -18.14 -11.51
N LEU E 54 -2.60 -16.89 -11.18
CA LEU E 54 -3.94 -16.36 -11.37
C LEU E 54 -3.86 -14.94 -11.94
N GLU E 55 -4.94 -14.53 -12.57
CA GLU E 55 -5.07 -13.18 -13.07
C GLU E 55 -5.59 -12.26 -11.96
N SER E 56 -5.77 -10.98 -12.29
CA SER E 56 -6.32 -10.00 -11.36
C SER E 56 -7.82 -9.88 -11.58
N GLY E 57 -8.57 -9.83 -10.48
CA GLY E 57 -10.02 -9.75 -10.57
C GLY E 57 -10.67 -10.99 -11.13
N VAL E 58 -10.19 -12.16 -10.74
CA VAL E 58 -10.75 -13.44 -11.20
C VAL E 58 -11.30 -14.19 -10.00
N PRO E 59 -12.50 -14.76 -10.09
CA PRO E 59 -13.05 -15.52 -8.96
C PRO E 59 -12.13 -16.68 -8.59
N SER E 60 -12.06 -16.95 -7.27
CA SER E 60 -11.12 -17.94 -6.76
C SER E 60 -11.52 -19.37 -7.08
N ARG E 61 -12.70 -19.59 -7.65
CA ARG E 61 -13.11 -20.95 -7.98
C ARG E 61 -12.17 -21.59 -9.00
N PHE E 62 -11.77 -20.83 -10.02
CA PHE E 62 -10.85 -21.35 -11.02
C PHE E 62 -9.49 -21.62 -10.39
N SER E 63 -8.91 -22.76 -10.72
CA SER E 63 -7.61 -23.13 -10.18
C SER E 63 -6.98 -24.15 -11.11
N GLY E 64 -5.90 -23.75 -11.80
CA GLY E 64 -5.18 -24.66 -12.65
C GLY E 64 -4.23 -25.54 -11.86
N SER E 65 -3.65 -26.52 -12.55
CA SER E 65 -2.72 -27.45 -11.94
C SER E 65 -1.89 -28.10 -13.05
N GLY E 66 -1.13 -29.13 -12.68
CA GLY E 66 -0.35 -29.88 -13.63
C GLY E 66 1.02 -29.27 -13.88
N SER E 67 1.87 -30.07 -14.52
CA SER E 67 3.23 -29.66 -14.83
C SER E 67 3.76 -30.55 -15.93
N GLU E 68 4.95 -30.19 -16.44
CA GLU E 68 5.61 -30.94 -17.50
C GLU E 68 4.75 -31.01 -18.75
N THR E 69 3.99 -32.10 -18.91
CA THR E 69 3.16 -32.31 -20.09
C THR E 69 1.66 -32.29 -19.77
N HIS E 70 1.22 -33.07 -18.78
CA HIS E 70 -0.19 -33.14 -18.45
C HIS E 70 -0.64 -31.90 -17.71
N PHE E 71 -1.66 -31.23 -18.23
CA PHE E 71 -2.20 -30.01 -17.65
C PHE E 71 -3.71 -30.13 -17.51
N THR E 72 -4.24 -29.68 -16.37
CA THR E 72 -5.66 -29.76 -16.08
C THR E 72 -6.16 -28.42 -15.56
N LEU E 73 -7.47 -28.21 -15.71
CA LEU E 73 -8.15 -27.04 -15.17
C LEU E 73 -9.40 -27.49 -14.44
N THR E 74 -9.64 -26.92 -13.26
CA THR E 74 -10.75 -27.35 -12.41
C THR E 74 -11.56 -26.14 -11.94
N ILE E 75 -12.86 -26.36 -11.79
CA ILE E 75 -13.78 -25.36 -11.26
C ILE E 75 -14.53 -25.97 -10.08
N SER E 76 -14.56 -25.26 -8.95
CA SER E 76 -15.20 -25.77 -7.76
C SER E 76 -16.72 -25.82 -7.92
N SER E 77 -17.31 -24.74 -8.42
CA SER E 77 -18.75 -24.66 -8.65
C SER E 77 -19.00 -23.90 -9.94
N LEU E 78 -20.11 -24.23 -10.61
CA LEU E 78 -20.31 -23.78 -11.98
C LEU E 78 -20.96 -22.40 -12.06
N GLN E 79 -22.18 -22.26 -11.53
CA GLN E 79 -23.04 -21.09 -11.72
C GLN E 79 -23.38 -20.88 -13.19
N PRO E 80 -24.54 -20.29 -13.51
CA PRO E 80 -24.90 -20.10 -14.92
C PRO E 80 -24.04 -19.07 -15.64
N ASP E 81 -23.30 -18.23 -14.92
CA ASP E 81 -22.53 -17.17 -15.55
C ASP E 81 -21.27 -17.68 -16.24
N ASP E 82 -20.82 -18.90 -15.91
CA ASP E 82 -19.56 -19.43 -16.42
C ASP E 82 -19.74 -20.33 -17.62
N VAL E 83 -20.71 -20.03 -18.49
CA VAL E 83 -20.93 -20.77 -19.72
C VAL E 83 -20.22 -20.02 -20.85
N ALA E 84 -19.22 -20.65 -21.45
CA ALA E 84 -18.42 -20.05 -22.51
C ALA E 84 -17.59 -21.15 -23.16
N THR E 85 -16.64 -20.76 -24.00
CA THR E 85 -15.71 -21.67 -24.66
C THR E 85 -14.30 -21.41 -24.14
N TYR E 86 -13.57 -22.49 -23.88
CA TYR E 86 -12.24 -22.40 -23.28
C TYR E 86 -11.20 -22.91 -24.26
N TYR E 87 -10.14 -22.12 -24.45
CA TYR E 87 -9.01 -22.49 -25.29
C TYR E 87 -7.74 -22.50 -24.46
N CYS E 88 -6.91 -23.52 -24.67
CA CYS E 88 -5.63 -23.66 -23.98
C CYS E 88 -4.51 -23.32 -24.95
N GLN E 89 -3.61 -22.43 -24.54
CA GLN E 89 -2.61 -21.81 -25.39
C GLN E 89 -1.22 -22.36 -25.06
N GLU E 90 -0.20 -21.78 -25.70
CA GLU E 90 1.19 -22.10 -25.43
C GLU E 90 2.04 -20.96 -25.96
N TYR E 91 2.90 -20.40 -25.11
CA TYR E 91 3.68 -19.24 -25.53
C TYR E 91 5.18 -19.46 -25.37
N THR E 92 5.67 -20.62 -25.79
CA THR E 92 7.10 -20.87 -25.83
C THR E 92 7.68 -20.27 -27.10
N SER E 93 8.79 -19.54 -26.95
CA SER E 93 9.48 -18.90 -28.07
C SER E 93 8.59 -17.88 -28.76
N TYR E 94 8.92 -17.52 -29.99
CA TYR E 94 8.23 -16.43 -30.67
C TYR E 94 6.80 -16.80 -31.04
N GLY E 95 6.60 -17.98 -31.64
CA GLY E 95 5.30 -18.35 -32.11
C GLY E 95 4.37 -18.80 -31.00
N ARG E 96 3.07 -18.67 -31.26
CA ARG E 96 2.03 -19.13 -30.35
C ARG E 96 0.99 -19.92 -31.14
N THR E 97 0.67 -21.12 -30.67
CA THR E 97 -0.32 -21.98 -31.30
C THR E 97 -1.45 -22.24 -30.33
N PHE E 98 -2.68 -21.98 -30.76
CA PHE E 98 -3.84 -22.14 -29.89
C PHE E 98 -4.28 -23.60 -29.85
N GLY E 99 -5.28 -23.88 -29.02
CA GLY E 99 -5.78 -25.23 -28.86
C GLY E 99 -6.75 -25.64 -29.93
N GLN E 100 -7.83 -26.32 -29.55
CA GLN E 100 -8.81 -26.80 -30.52
C GLN E 100 -10.20 -26.33 -30.13
N GLY E 101 -10.48 -26.29 -28.83
CA GLY E 101 -11.75 -25.78 -28.33
C GLY E 101 -12.40 -26.71 -27.33
N THR E 102 -13.27 -26.14 -26.49
CA THR E 102 -14.03 -26.91 -25.51
C THR E 102 -15.22 -26.08 -25.08
N LYS E 103 -16.42 -26.62 -25.22
CA LYS E 103 -17.66 -25.90 -24.93
C LYS E 103 -18.34 -26.53 -23.72
N VAL E 104 -18.79 -25.68 -22.79
CA VAL E 104 -19.48 -26.12 -21.59
C VAL E 104 -20.90 -25.56 -21.63
N GLU E 105 -21.87 -26.39 -21.23
CA GLU E 105 -23.27 -25.99 -21.28
C GLU E 105 -23.96 -26.22 -19.94
N ILE E 106 -25.28 -26.06 -19.91
CA ILE E 106 -26.09 -26.26 -18.71
C ILE E 106 -27.22 -27.21 -19.05
N LYS E 107 -27.77 -27.84 -18.01
CA LYS E 107 -28.87 -28.79 -18.18
C LYS E 107 -29.85 -28.62 -17.04
N ARG E 108 -31.13 -28.47 -17.38
CA ARG E 108 -32.18 -28.29 -16.39
C ARG E 108 -33.21 -29.41 -16.49
N GLN F 1 -10.93 -33.94 10.92
CA GLN F 1 -11.28 -35.02 11.84
C GLN F 1 -10.30 -36.18 11.71
N VAL F 2 -9.13 -35.90 11.14
CA VAL F 2 -8.12 -36.93 10.96
C VAL F 2 -7.44 -37.24 12.30
N LYS F 3 -6.83 -38.41 12.39
CA LYS F 3 -6.15 -38.86 13.59
C LYS F 3 -4.81 -39.47 13.23
N LEU F 4 -3.88 -39.42 14.18
CA LEU F 4 -2.54 -39.95 14.01
C LEU F 4 -2.20 -40.83 15.21
N VAL F 5 -1.52 -41.94 14.95
CA VAL F 5 -1.11 -42.88 15.98
C VAL F 5 0.33 -43.30 15.73
N GLU F 6 1.13 -43.36 16.78
CA GLU F 6 2.52 -43.78 16.71
C GLU F 6 2.70 -45.07 17.49
N SER F 7 3.52 -45.98 16.96
CA SER F 7 3.82 -47.25 17.60
C SER F 7 5.32 -47.38 17.78
N GLY F 8 5.74 -47.79 18.97
CA GLY F 8 7.14 -47.96 19.27
C GLY F 8 7.38 -47.81 20.76
N GLY F 9 8.60 -47.39 21.09
CA GLY F 9 8.99 -47.21 22.48
C GLY F 9 9.54 -48.48 23.09
N GLY F 10 9.92 -48.36 24.36
CA GLY F 10 10.46 -49.46 25.13
C GLY F 10 11.76 -49.06 25.78
N VAL F 11 12.54 -50.08 26.17
CA VAL F 11 13.83 -49.88 26.81
C VAL F 11 14.89 -50.44 25.88
N VAL F 12 15.87 -49.60 25.54
CA VAL F 12 16.93 -49.96 24.60
C VAL F 12 18.27 -49.58 25.21
N GLN F 13 19.21 -50.54 25.21
CA GLN F 13 20.54 -50.28 25.72
C GLN F 13 21.29 -49.33 24.80
N PRO F 14 22.33 -48.67 25.31
CA PRO F 14 23.12 -47.76 24.47
C PRO F 14 23.60 -48.47 23.20
N GLY F 15 23.51 -47.78 22.08
CA GLY F 15 23.71 -48.40 20.79
C GLY F 15 22.42 -49.01 20.27
N ARG F 16 22.53 -50.04 19.45
CA ARG F 16 21.37 -50.74 18.87
C ARG F 16 20.54 -49.72 18.09
N SER F 17 19.23 -49.92 18.01
CA SER F 17 18.37 -49.10 17.19
C SER F 17 16.95 -49.17 17.72
N LEU F 18 16.02 -48.60 16.97
CA LEU F 18 14.61 -48.59 17.35
C LEU F 18 13.76 -48.41 16.10
N ARG F 19 12.46 -48.70 16.25
CA ARG F 19 11.51 -48.62 15.16
C ARG F 19 10.24 -47.94 15.64
N LEU F 20 9.94 -46.78 15.06
CA LEU F 20 8.68 -46.09 15.31
C LEU F 20 8.24 -45.39 14.03
N SER F 21 6.93 -45.33 13.83
CA SER F 21 6.39 -44.78 12.59
C SER F 21 4.93 -44.41 12.80
N CYS F 22 4.61 -43.13 12.61
CA CYS F 22 3.22 -42.67 12.71
C CYS F 22 2.59 -42.75 11.31
N GLU F 23 1.59 -43.62 11.17
CA GLU F 23 0.91 -43.78 9.89
C GLU F 23 -0.22 -42.77 9.75
N ALA F 24 -0.46 -42.36 8.50
CA ALA F 24 -1.47 -41.36 8.21
C ALA F 24 -2.82 -42.03 7.97
N SER F 25 -3.81 -41.66 8.78
CA SER F 25 -5.15 -42.21 8.66
C SER F 25 -6.16 -41.07 8.68
N GLY F 26 -7.22 -41.24 7.90
CA GLY F 26 -8.26 -40.23 7.79
C GLY F 26 -8.03 -39.18 6.74
N PHE F 27 -6.88 -39.21 6.06
CA PHE F 27 -6.59 -38.23 5.02
C PHE F 27 -5.60 -38.84 4.04
N ILE F 28 -5.46 -38.18 2.89
CA ILE F 28 -4.57 -38.62 1.83
C ILE F 28 -3.34 -37.72 1.82
N PHE F 29 -2.15 -38.34 1.81
CA PHE F 29 -0.91 -37.58 1.79
C PHE F 29 -0.75 -36.88 0.46
N SER F 30 -0.90 -35.56 0.46
CA SER F 30 -0.76 -34.76 -0.77
C SER F 30 -0.22 -33.39 -0.39
N THR F 31 0.89 -33.00 -1.02
CA THR F 31 1.59 -31.72 -0.84
C THR F 31 2.10 -31.55 0.59
N TYR F 32 3.10 -30.68 0.75
CA TYR F 32 3.72 -30.39 2.04
C TYR F 32 4.32 -31.64 2.66
N GLY F 33 4.70 -31.58 3.94
CA GLY F 33 5.39 -32.68 4.55
C GLY F 33 5.04 -32.97 5.99
N MET F 34 5.92 -33.68 6.70
CA MET F 34 5.71 -34.05 8.09
C MET F 34 6.98 -33.78 8.89
N HIS F 35 6.81 -33.54 10.18
CA HIS F 35 7.92 -33.25 11.08
C HIS F 35 7.83 -34.12 12.32
N TRP F 36 8.98 -34.33 12.95
CA TRP F 36 9.09 -35.05 14.21
C TRP F 36 9.53 -34.08 15.29
N VAL F 37 8.76 -33.99 16.38
CA VAL F 37 9.01 -33.03 17.44
C VAL F 37 9.28 -33.80 18.73
N ARG F 38 10.43 -33.54 19.34
CA ARG F 38 10.81 -34.13 20.60
C ARG F 38 10.25 -33.30 21.75
N GLN F 39 10.27 -33.88 22.96
CA GLN F 39 9.87 -33.15 24.15
C GLN F 39 10.54 -33.80 25.37
N ALA F 40 11.61 -33.18 25.84
CA ALA F 40 12.30 -33.68 27.01
C ALA F 40 11.40 -33.55 28.25
N PRO F 41 11.55 -34.44 29.23
CA PRO F 41 10.69 -34.39 30.41
C PRO F 41 10.98 -33.14 31.25
N GLY F 42 10.00 -32.24 31.32
CA GLY F 42 10.12 -31.04 32.11
C GLY F 42 10.84 -29.89 31.44
N LYS F 43 11.19 -30.03 30.16
CA LYS F 43 11.90 -28.99 29.43
C LYS F 43 11.02 -28.48 28.29
N GLY F 44 11.60 -27.63 27.44
CA GLY F 44 10.87 -27.10 26.31
C GLY F 44 10.88 -28.04 25.11
N LEU F 45 10.09 -27.67 24.11
CA LEU F 45 10.00 -28.47 22.90
C LEU F 45 11.26 -28.31 22.05
N GLU F 46 11.39 -29.16 21.04
CA GLU F 46 12.56 -29.12 20.17
C GLU F 46 12.22 -29.80 18.85
N TRP F 47 12.66 -29.19 17.76
CA TRP F 47 12.46 -29.72 16.42
C TRP F 47 13.59 -30.68 16.05
N VAL F 48 13.24 -31.73 15.30
CA VAL F 48 14.20 -32.80 15.02
C VAL F 48 14.48 -32.94 13.53
N ALA F 49 13.48 -33.29 12.74
CA ALA F 49 13.71 -33.56 11.33
C ALA F 49 12.43 -33.33 10.54
N VAL F 50 12.60 -33.13 9.23
CA VAL F 50 11.50 -32.80 8.32
C VAL F 50 11.62 -33.63 7.07
N ILE F 51 10.48 -34.14 6.59
CA ILE F 51 10.40 -34.88 5.33
C ILE F 51 9.33 -34.24 4.47
N TRP F 52 9.67 -33.93 3.22
CA TRP F 52 8.72 -33.29 2.32
C TRP F 52 7.88 -34.37 1.63
N PHE F 53 7.14 -33.97 0.59
CA PHE F 53 6.11 -34.83 0.01
C PHE F 53 6.65 -36.12 -0.58
N ASP F 54 7.41 -36.04 -1.68
CA ASP F 54 7.82 -37.25 -2.40
C ASP F 54 9.09 -37.87 -1.81
N GLY F 55 10.23 -37.22 -2.01
CA GLY F 55 11.48 -37.72 -1.47
C GLY F 55 12.51 -36.66 -1.14
N SER F 56 12.14 -35.39 -1.24
CA SER F 56 13.11 -34.30 -1.23
C SER F 56 13.02 -33.53 0.08
N ASN F 57 13.93 -32.57 0.23
CA ASN F 57 13.94 -31.62 1.34
C ASN F 57 13.97 -32.34 2.69
N ILE F 58 15.08 -33.03 2.93
CA ILE F 58 15.33 -33.74 4.18
C ILE F 58 16.40 -32.99 4.94
N TYR F 59 16.04 -32.47 6.11
CA TYR F 59 16.95 -31.71 6.96
C TYR F 59 16.92 -32.27 8.38
N TYR F 60 18.00 -32.01 9.11
CA TYR F 60 18.15 -32.49 10.48
C TYR F 60 18.65 -31.36 11.37
N ALA F 61 18.39 -31.49 12.66
CA ALA F 61 18.87 -30.53 13.63
C ALA F 61 20.39 -30.67 13.80
N ASP F 62 20.98 -29.77 14.58
CA ASP F 62 22.42 -29.76 14.75
C ASP F 62 22.89 -30.96 15.56
N SER F 63 22.15 -31.34 16.59
CA SER F 63 22.57 -32.40 17.50
C SER F 63 22.12 -33.78 17.05
N VAL F 64 21.47 -33.88 15.89
CA VAL F 64 20.92 -35.19 15.44
C VAL F 64 21.48 -35.51 14.05
N LYS F 65 21.97 -34.49 13.35
CA LYS F 65 22.43 -34.68 11.97
C LYS F 65 23.53 -35.74 11.91
N GLY F 66 23.41 -36.63 10.92
CA GLY F 66 24.36 -37.70 10.73
C GLY F 66 24.13 -38.93 11.57
N ARG F 67 23.01 -39.01 12.29
CA ARG F 67 22.75 -40.16 13.15
C ARG F 67 21.40 -40.80 12.81
N PHE F 68 20.43 -39.99 12.40
CA PHE F 68 19.08 -40.45 12.15
C PHE F 68 18.80 -40.51 10.66
N THR F 69 18.00 -41.49 10.25
CA THR F 69 17.57 -41.63 8.87
C THR F 69 16.05 -41.70 8.82
N ILE F 70 15.45 -40.87 7.97
CA ILE F 70 14.00 -40.78 7.84
C ILE F 70 13.64 -40.85 6.36
N SER F 71 12.67 -41.69 6.03
CA SER F 71 12.23 -41.84 4.65
C SER F 71 10.78 -42.31 4.64
N ARG F 72 10.12 -42.09 3.50
CA ARG F 72 8.73 -42.48 3.32
C ARG F 72 8.66 -43.56 2.24
N ASP F 73 8.02 -44.68 2.57
CA ASP F 73 7.89 -45.78 1.63
C ASP F 73 6.89 -45.43 0.52
N ASN F 74 7.10 -46.05 -0.63
CA ASN F 74 6.28 -45.78 -1.80
C ASN F 74 4.89 -46.38 -1.64
N SER F 75 3.88 -45.65 -2.14
CA SER F 75 2.48 -46.03 -2.17
C SER F 75 1.86 -46.11 -0.78
N LYS F 76 2.60 -45.84 0.28
CA LYS F 76 2.08 -45.89 1.63
C LYS F 76 2.27 -44.54 2.30
N ASN F 77 1.22 -44.08 2.99
CA ASN F 77 1.25 -42.79 3.68
C ASN F 77 1.77 -42.99 5.10
N THR F 78 2.99 -43.54 5.17
CA THR F 78 3.67 -43.78 6.43
C THR F 78 5.07 -43.19 6.37
N VAL F 79 5.55 -42.75 7.53
CA VAL F 79 6.89 -42.17 7.66
C VAL F 79 7.69 -43.04 8.62
N PHE F 80 8.83 -43.52 8.18
CA PHE F 80 9.66 -44.43 8.94
C PHE F 80 10.90 -43.70 9.44
N MET F 81 11.25 -43.92 10.70
CA MET F 81 12.40 -43.27 11.33
C MET F 81 13.31 -44.32 11.93
N GLN F 82 14.61 -44.22 11.66
CA GLN F 82 15.62 -45.13 12.17
C GLN F 82 16.71 -44.34 12.86
N MET F 83 17.17 -44.82 14.02
CA MET F 83 18.28 -44.22 14.74
C MET F 83 19.29 -45.28 15.12
N ASP F 84 20.58 -44.94 14.99
CA ASP F 84 21.67 -45.80 15.44
C ASP F 84 22.49 -45.06 16.49
N SER F 85 23.15 -45.84 17.34
CA SER F 85 24.05 -45.31 18.37
C SER F 85 23.31 -44.41 19.34
N LEU F 86 22.27 -44.95 19.97
CA LEU F 86 21.56 -44.22 21.01
C LEU F 86 22.44 -44.03 22.24
N ARG F 87 22.21 -42.94 22.95
CA ARG F 87 22.99 -42.60 24.14
C ARG F 87 22.01 -42.01 25.16
N ALA F 88 22.53 -41.55 26.29
CA ALA F 88 21.69 -40.92 27.30
C ALA F 88 21.29 -39.52 26.84
N GLU F 89 20.71 -38.74 27.76
CA GLU F 89 20.09 -37.45 27.48
C GLU F 89 19.29 -37.44 26.18
N ASP F 90 18.66 -38.56 25.83
CA ASP F 90 17.87 -38.70 24.63
C ASP F 90 16.58 -39.45 24.93
N THR F 91 16.09 -39.33 26.16
CA THR F 91 14.84 -39.94 26.58
C THR F 91 13.78 -38.86 26.62
N ALA F 92 12.71 -39.04 25.84
CA ALA F 92 11.71 -38.00 25.70
C ALA F 92 10.44 -38.62 25.13
N VAL F 93 9.44 -37.77 24.91
CA VAL F 93 8.17 -38.16 24.31
C VAL F 93 8.13 -37.59 22.90
N TYR F 94 7.91 -38.46 21.92
CA TYR F 94 7.98 -38.09 20.51
C TYR F 94 6.59 -37.91 19.94
N TYR F 95 6.40 -36.82 19.19
CA TYR F 95 5.13 -36.51 18.55
C TYR F 95 5.27 -36.63 17.04
N CYS F 96 4.17 -36.38 16.33
CA CYS F 96 4.17 -36.26 14.88
C CYS F 96 3.33 -35.05 14.52
N HIS F 97 3.89 -34.16 13.68
CA HIS F 97 3.32 -32.85 13.43
C HIS F 97 3.01 -32.69 11.94
N ARG F 98 1.87 -32.08 11.65
CA ARG F 98 1.49 -31.76 10.27
C ARG F 98 0.70 -30.45 10.29
N ASN F 99 1.24 -29.41 9.65
CA ASN F 99 0.65 -28.09 9.73
C ASN F 99 0.96 -27.33 8.45
N PHE F 100 -0.07 -26.67 7.91
CA PHE F 100 0.06 -25.87 6.71
C PHE F 100 -1.07 -24.84 6.68
N TYR F 101 -0.80 -23.70 6.06
CA TYR F 101 -1.75 -22.58 6.00
C TYR F 101 -2.14 -22.33 4.55
N ASP F 102 -3.45 -22.32 4.28
CA ASP F 102 -3.94 -21.98 2.96
C ASP F 102 -5.43 -21.63 3.06
N GLY F 103 -5.87 -20.80 2.12
CA GLY F 103 -7.29 -20.47 2.00
C GLY F 103 -7.91 -19.92 3.27
N SER F 104 -8.72 -20.77 3.92
CA SER F 104 -9.35 -20.43 5.19
C SER F 104 -8.34 -20.59 6.33
N GLY F 105 -8.85 -20.64 7.56
CA GLY F 105 -8.01 -20.74 8.73
C GLY F 105 -7.01 -21.89 8.68
N PRO F 106 -6.04 -21.86 9.58
CA PRO F 106 -4.95 -22.85 9.54
C PRO F 106 -5.43 -24.24 9.86
N PHE F 107 -4.66 -25.22 9.38
CA PHE F 107 -4.87 -26.63 9.70
C PHE F 107 -3.64 -27.16 10.40
N ASP F 108 -3.83 -27.78 11.56
CA ASP F 108 -2.74 -28.41 12.28
C ASP F 108 -3.28 -29.59 13.09
N TYR F 109 -2.50 -30.66 13.14
CA TYR F 109 -2.88 -31.87 13.85
C TYR F 109 -1.65 -32.45 14.56
N TRP F 110 -1.85 -32.87 15.80
CA TRP F 110 -0.77 -33.39 16.63
C TRP F 110 -1.05 -34.84 17.00
N GLY F 111 0.02 -35.63 17.08
CA GLY F 111 -0.11 -37.03 17.44
C GLY F 111 -0.28 -37.23 18.93
N GLN F 112 -0.54 -38.49 19.28
CA GLN F 112 -0.76 -38.83 20.69
C GLN F 112 0.55 -38.74 21.48
N GLY F 113 1.60 -39.37 20.96
CA GLY F 113 2.89 -39.33 21.63
C GLY F 113 3.27 -40.65 22.29
N THR F 114 4.54 -41.05 22.14
CA THR F 114 5.04 -42.29 22.69
C THR F 114 6.29 -42.01 23.50
N LEU F 115 6.53 -42.86 24.50
CA LEU F 115 7.65 -42.68 25.42
C LEU F 115 8.79 -43.61 25.05
N VAL F 116 10.00 -43.07 25.00
CA VAL F 116 11.21 -43.83 24.72
C VAL F 116 12.18 -43.61 25.87
N THR F 117 12.66 -44.70 26.47
CA THR F 117 13.58 -44.65 27.59
C THR F 117 14.86 -45.39 27.22
N VAL F 118 16.00 -44.73 27.41
CA VAL F 118 17.30 -45.31 27.10
C VAL F 118 18.10 -45.39 28.39
N SER F 119 18.51 -46.59 28.76
CA SER F 119 19.29 -46.85 29.97
C SER F 119 19.85 -48.26 29.86
N SER F 120 20.43 -48.75 30.96
CA SER F 120 20.99 -50.09 31.00
C SER F 120 20.11 -51.02 31.82
N ASP G 1 22.36 -19.30 12.49
CA ASP G 1 20.97 -19.72 12.53
C ASP G 1 20.09 -18.66 13.18
N ILE G 2 18.94 -19.08 13.69
CA ILE G 2 17.99 -18.19 14.36
C ILE G 2 17.76 -18.71 15.77
N GLN G 3 17.91 -17.83 16.76
CA GLN G 3 17.70 -18.18 18.15
C GLN G 3 16.67 -17.21 18.74
N MET G 4 15.67 -17.76 19.43
CA MET G 4 14.59 -16.98 20.00
C MET G 4 14.79 -16.83 21.49
N THR G 5 14.65 -15.60 21.98
CA THR G 5 14.78 -15.29 23.41
C THR G 5 13.44 -14.78 23.92
N GLN G 6 13.00 -15.30 25.06
CA GLN G 6 11.71 -14.97 25.62
C GLN G 6 11.87 -14.21 26.93
N SER G 7 10.74 -13.77 27.49
CA SER G 7 10.72 -13.13 28.79
C SER G 7 11.09 -14.14 29.88
N PRO G 8 11.52 -13.66 31.04
CA PRO G 8 11.87 -14.58 32.13
C PRO G 8 10.72 -15.53 32.46
N SER G 9 11.08 -16.78 32.75
CA SER G 9 10.08 -17.84 32.91
C SER G 9 9.16 -17.61 34.09
N THR G 10 9.56 -16.77 35.05
CA THR G 10 8.74 -16.50 36.22
C THR G 10 7.80 -15.33 35.93
N LEU G 11 6.50 -15.55 36.09
CA LEU G 11 5.52 -14.50 35.92
C LEU G 11 4.35 -14.78 36.85
N SER G 12 3.95 -13.76 37.60
CA SER G 12 2.90 -13.92 38.61
C SER G 12 1.81 -12.87 38.39
N ALA G 13 0.60 -13.23 38.79
CA ALA G 13 -0.55 -12.35 38.64
C ALA G 13 -1.57 -12.67 39.72
N SER G 14 -2.50 -11.74 39.93
CA SER G 14 -3.51 -11.89 40.96
C SER G 14 -4.91 -11.73 40.38
N VAL G 15 -5.18 -12.44 39.28
CA VAL G 15 -6.42 -12.31 38.53
C VAL G 15 -6.60 -10.85 38.15
N GLY G 16 -5.52 -10.20 37.75
CA GLY G 16 -5.56 -8.81 37.35
C GLY G 16 -5.66 -8.64 35.85
N ASP G 17 -4.66 -7.98 35.25
CA ASP G 17 -4.67 -7.69 33.83
C ASP G 17 -3.27 -7.24 33.42
N ARG G 18 -3.10 -7.03 32.11
CA ARG G 18 -1.90 -6.44 31.54
C ARG G 18 -0.65 -7.27 31.89
N VAL G 19 -0.64 -8.49 31.37
CA VAL G 19 0.52 -9.36 31.44
C VAL G 19 1.12 -9.45 30.04
N THR G 20 2.41 -9.14 29.94
CA THR G 20 3.08 -8.99 28.65
C THR G 20 4.22 -10.00 28.54
N ILE G 21 4.28 -10.68 27.40
CA ILE G 21 5.34 -11.63 27.09
C ILE G 21 6.02 -11.17 25.80
N THR G 22 7.35 -11.10 25.83
CA THR G 22 8.12 -10.64 24.68
C THR G 22 8.87 -11.81 24.05
N CYS G 23 9.23 -11.64 22.78
CA CYS G 23 9.92 -12.69 22.03
C CYS G 23 10.76 -12.02 20.95
N ARG G 24 12.06 -11.94 21.19
CA ARG G 24 12.98 -11.22 20.30
C ARG G 24 13.85 -12.20 19.54
N ALA G 25 13.89 -12.05 18.22
CA ALA G 25 14.68 -12.91 17.36
C ALA G 25 16.07 -12.29 17.16
N SER G 26 16.85 -12.87 16.25
CA SER G 26 18.20 -12.38 15.99
C SER G 26 18.49 -12.30 14.50
N GLN G 27 17.46 -12.13 13.68
CA GLN G 27 17.62 -12.01 12.23
C GLN G 27 16.39 -11.29 11.68
N PHE G 28 16.17 -11.40 10.38
CA PHE G 28 15.06 -10.75 9.71
C PHE G 28 13.99 -11.79 9.41
N ILE G 29 12.89 -11.75 10.16
CA ILE G 29 11.69 -12.54 9.87
C ILE G 29 10.50 -11.59 9.92
N SER G 30 9.72 -11.56 8.85
CA SER G 30 8.64 -10.58 8.69
C SER G 30 7.30 -11.27 8.90
N ARG G 31 6.66 -11.01 10.03
CA ARG G 31 5.28 -11.39 10.32
C ARG G 31 5.06 -12.90 10.35
N TRP G 32 6.11 -13.71 10.20
CA TRP G 32 5.99 -15.16 10.24
C TRP G 32 6.32 -15.62 11.65
N LEU G 33 5.29 -15.70 12.50
CA LEU G 33 5.49 -16.12 13.88
C LEU G 33 4.15 -16.51 14.47
N ALA G 34 4.15 -17.58 15.28
CA ALA G 34 2.92 -18.09 15.89
C ALA G 34 3.20 -18.46 17.34
N TRP G 35 2.15 -18.40 18.16
CA TRP G 35 2.24 -18.70 19.58
C TRP G 35 1.42 -19.95 19.90
N TYR G 36 1.96 -20.80 20.77
CA TYR G 36 1.29 -22.01 21.21
C TYR G 36 0.96 -21.90 22.70
N GLN G 37 0.22 -22.90 23.18
CA GLN G 37 -0.13 -22.98 24.60
C GLN G 37 -0.28 -24.44 24.97
N GLN G 38 0.46 -24.89 25.98
CA GLN G 38 0.48 -26.28 26.37
C GLN G 38 -0.02 -26.42 27.79
N LYS G 39 -1.08 -27.21 27.98
CA LYS G 39 -1.56 -27.56 29.30
C LYS G 39 -0.55 -28.49 29.98
N PRO G 40 -0.56 -28.57 31.32
CA PRO G 40 0.55 -29.29 31.99
C PRO G 40 0.69 -30.74 31.55
N GLY G 41 -0.41 -31.48 31.40
CA GLY G 41 -0.34 -32.72 30.66
C GLY G 41 -1.34 -32.73 29.52
N LYS G 42 -0.86 -32.58 28.29
CA LYS G 42 -1.68 -32.50 27.09
C LYS G 42 -0.73 -32.43 25.89
N ALA G 43 -1.29 -32.18 24.71
CA ALA G 43 -0.60 -31.83 23.48
C ALA G 43 -0.71 -30.33 23.22
N PRO G 44 0.27 -29.74 22.53
CA PRO G 44 0.22 -28.28 22.29
C PRO G 44 -0.97 -27.89 21.42
N LYS G 45 -1.43 -26.65 21.62
CA LYS G 45 -2.57 -26.11 20.89
C LYS G 45 -2.21 -24.74 20.34
N LEU G 46 -2.61 -24.48 19.09
CA LEU G 46 -2.32 -23.20 18.45
C LEU G 46 -3.19 -22.08 19.02
N LEU G 47 -2.61 -20.88 19.12
CA LEU G 47 -3.33 -19.73 19.64
C LEU G 47 -3.53 -18.64 18.59
N ILE G 48 -2.44 -18.12 18.02
CA ILE G 48 -2.52 -17.11 16.96
C ILE G 48 -1.41 -17.38 15.94
N TYR G 49 -1.71 -17.08 14.68
CA TYR G 49 -0.78 -17.30 13.59
C TYR G 49 -0.67 -16.01 12.78
N LYS G 50 0.50 -15.79 12.18
CA LYS G 50 0.77 -14.56 11.42
C LYS G 50 0.53 -13.33 12.30
N ALA G 51 1.45 -13.15 13.26
CA ALA G 51 1.29 -12.23 14.37
C ALA G 51 0.61 -10.93 13.95
N SER G 52 -0.23 -10.42 14.85
CA SER G 52 -1.28 -9.43 14.55
C SER G 52 -2.39 -10.06 13.73
N SER G 53 -2.91 -11.18 14.22
CA SER G 53 -4.08 -11.84 13.66
C SER G 53 -4.84 -12.50 14.81
N LEU G 54 -5.71 -13.45 14.48
CA LEU G 54 -6.51 -14.12 15.50
C LEU G 54 -6.88 -15.51 14.97
N GLU G 55 -7.45 -16.32 15.85
CA GLU G 55 -7.87 -17.68 15.51
C GLU G 55 -9.31 -17.89 15.94
N SER G 56 -10.03 -18.70 15.16
CA SER G 56 -11.44 -18.99 15.43
C SER G 56 -11.53 -20.06 16.52
N GLY G 57 -12.02 -19.67 17.69
CA GLY G 57 -12.18 -20.61 18.78
C GLY G 57 -11.73 -20.04 20.11
N VAL G 58 -10.71 -19.18 20.09
CA VAL G 58 -10.19 -18.60 21.32
C VAL G 58 -11.20 -17.59 21.87
N PRO G 59 -11.24 -17.37 23.18
CA PRO G 59 -12.19 -16.40 23.76
C PRO G 59 -11.62 -14.98 23.80
N SER G 60 -11.27 -14.46 22.62
CA SER G 60 -10.71 -13.12 22.48
C SER G 60 -9.54 -12.90 23.43
N ARG G 61 -9.42 -11.68 23.96
CA ARG G 61 -8.38 -11.27 24.91
C ARG G 61 -7.01 -11.85 24.55
N PHE G 62 -6.68 -11.76 23.28
CA PHE G 62 -5.37 -12.18 22.77
C PHE G 62 -5.02 -11.34 21.56
N SER G 63 -3.82 -10.77 21.54
CA SER G 63 -3.41 -9.89 20.46
C SER G 63 -1.89 -9.83 20.43
N GLY G 64 -1.37 -9.29 19.33
CA GLY G 64 0.06 -9.15 19.16
C GLY G 64 0.38 -8.21 18.02
N SER G 65 1.67 -7.91 17.90
CA SER G 65 2.16 -7.00 16.86
C SER G 65 3.69 -7.05 16.86
N GLY G 66 4.27 -6.51 15.81
CA GLY G 66 5.71 -6.39 15.73
C GLY G 66 6.20 -6.49 14.30
N SER G 67 7.50 -6.23 14.13
CA SER G 67 8.11 -6.25 12.80
C SER G 67 9.60 -6.56 12.95
N GLU G 68 9.97 -7.82 12.69
CA GLU G 68 11.33 -8.29 12.46
C GLU G 68 12.21 -8.37 13.71
N THR G 69 11.80 -7.75 14.81
CA THR G 69 12.59 -7.91 16.02
C THR G 69 11.78 -8.39 17.21
N HIS G 70 10.66 -7.72 17.50
CA HIS G 70 9.96 -7.89 18.76
C HIS G 70 8.49 -8.19 18.51
N PHE G 71 8.00 -9.26 19.12
CA PHE G 71 6.60 -9.61 19.09
C PHE G 71 6.11 -9.79 20.52
N THR G 72 4.97 -9.19 20.84
CA THR G 72 4.45 -9.20 22.20
C THR G 72 3.07 -9.84 22.23
N LEU G 73 2.72 -10.41 23.38
CA LEU G 73 1.42 -11.00 23.61
C LEU G 73 0.86 -10.45 24.91
N THR G 74 -0.41 -10.03 24.88
CA THR G 74 -1.08 -9.47 26.03
C THR G 74 -2.43 -10.15 26.22
N ILE G 75 -2.92 -10.14 27.46
CA ILE G 75 -4.20 -10.77 27.81
C ILE G 75 -5.21 -9.72 28.27
N SER G 76 -4.91 -9.02 29.37
CA SER G 76 -5.70 -7.94 29.96
C SER G 76 -7.01 -8.43 30.57
N SER G 77 -7.37 -9.70 30.43
CA SER G 77 -8.58 -10.25 31.00
C SER G 77 -8.30 -11.64 31.55
N LEU G 78 -7.23 -11.76 32.34
CA LEU G 78 -6.77 -13.06 32.81
C LEU G 78 -7.76 -13.64 33.81
N GLN G 79 -8.51 -14.64 33.34
CA GLN G 79 -9.44 -15.38 34.21
C GLN G 79 -8.61 -16.44 34.92
N PRO G 80 -9.15 -17.57 35.39
CA PRO G 80 -8.36 -18.60 36.00
C PRO G 80 -8.40 -19.90 35.21
N ASP G 81 -8.21 -19.81 33.91
CA ASP G 81 -8.17 -21.02 33.06
C ASP G 81 -7.12 -20.80 31.99
N ASP G 82 -6.14 -19.95 32.26
CA ASP G 82 -5.10 -19.61 31.26
C ASP G 82 -3.78 -20.17 31.76
N VAL G 83 -3.75 -20.69 32.97
CA VAL G 83 -2.47 -21.14 33.54
C VAL G 83 -1.87 -22.20 32.61
N ALA G 84 -0.58 -22.13 32.33
CA ALA G 84 0.12 -23.08 31.43
C ALA G 84 1.39 -22.42 30.94
N THR G 85 1.89 -22.86 29.81
CA THR G 85 3.14 -22.32 29.27
C THR G 85 2.95 -21.97 27.80
N TYR G 86 3.60 -20.89 27.37
CA TYR G 86 3.44 -20.37 26.02
C TYR G 86 4.78 -20.41 25.29
N TYR G 87 4.77 -20.90 24.06
CA TYR G 87 5.97 -21.09 23.26
C TYR G 87 5.91 -20.25 22.00
N CYS G 88 7.01 -19.60 21.66
CA CYS G 88 7.13 -18.93 20.38
C CYS G 88 7.33 -19.96 19.27
N GLN G 89 7.16 -19.51 18.03
CA GLN G 89 7.47 -20.35 16.88
C GLN G 89 7.70 -19.46 15.67
N GLU G 90 8.63 -19.87 14.82
CA GLU G 90 8.92 -19.17 13.58
C GLU G 90 8.88 -20.17 12.44
N TYR G 91 8.28 -19.75 11.32
CA TYR G 91 8.15 -20.62 10.15
C TYR G 91 8.44 -19.78 8.90
N THR G 92 9.72 -19.76 8.50
CA THR G 92 10.12 -19.05 7.30
C THR G 92 10.67 -19.97 6.21
N SER G 93 10.84 -21.26 6.51
CA SER G 93 11.35 -22.23 5.55
C SER G 93 10.92 -23.61 6.02
N TYR G 94 11.55 -24.65 5.48
CA TYR G 94 11.29 -26.00 5.96
C TYR G 94 11.86 -26.15 7.37
N GLY G 95 11.00 -26.47 8.33
CA GLY G 95 11.45 -26.64 9.69
C GLY G 95 11.15 -25.42 10.55
N ARG G 96 10.92 -25.67 11.83
CA ARG G 96 10.56 -24.64 12.79
C ARG G 96 11.69 -24.44 13.80
N THR G 97 11.44 -23.57 14.77
CA THR G 97 12.39 -23.35 15.86
C THR G 97 11.63 -22.76 17.03
N PHE G 98 11.42 -23.58 18.07
CA PHE G 98 10.63 -23.14 19.21
C PHE G 98 11.48 -22.29 20.16
N GLY G 99 10.80 -21.59 21.06
CA GLY G 99 11.47 -20.77 22.05
C GLY G 99 11.90 -21.57 23.25
N GLN G 100 11.60 -21.07 24.46
CA GLN G 100 11.93 -21.78 25.69
C GLN G 100 10.78 -21.87 26.68
N GLY G 101 9.76 -21.04 26.59
CA GLY G 101 8.59 -21.17 27.43
C GLY G 101 8.53 -20.08 28.50
N THR G 102 7.32 -19.91 29.05
CA THR G 102 7.07 -18.94 30.10
C THR G 102 5.84 -19.37 30.87
N LYS G 103 6.00 -19.62 32.16
CA LYS G 103 4.92 -20.13 33.00
C LYS G 103 4.24 -18.98 33.73
N VAL G 104 2.91 -19.00 33.77
CA VAL G 104 2.12 -18.01 34.48
C VAL G 104 1.45 -18.69 35.67
N GLU G 105 1.58 -18.07 36.85
CA GLU G 105 0.97 -18.61 38.05
C GLU G 105 0.03 -17.59 38.68
N ILE G 106 -0.49 -17.90 39.86
CA ILE G 106 -1.44 -17.03 40.57
C ILE G 106 -0.81 -16.59 41.88
N LYS G 107 -0.87 -15.29 42.15
CA LYS G 107 -0.32 -14.72 43.37
C LYS G 107 -1.35 -14.78 44.48
N ARG G 108 -0.97 -15.37 45.62
CA ARG G 108 -1.88 -15.52 46.75
C ARG G 108 -1.43 -14.68 47.94
#